data_2G20
#
_entry.id   2G20
#
_cell.length_a   141.333
_cell.length_b   141.333
_cell.length_c   141.333
_cell.angle_alpha   90.00
_cell.angle_beta   90.00
_cell.angle_gamma   90.00
#
_symmetry.space_group_name_H-M   'P 21 3'
#
loop_
_entity.id
_entity.type
_entity.pdbx_description
1 polymer Renin
2 non-polymer N-(MORPHOLIN-4-YLSULFONYL)-L-PHENYLALANYL-3-(2-AMINO-1,3-THIAZOL-4-YL)-N-{(1R,2R,3S)-1-[(1R)-CYCLOHEX-3-EN-1-YLMETHYL]-2,3-DIHYDROXY-5-METHYLHEXYL}-L-ALANINAMIDE
3 water water
#
_entity_poly.entity_id   1
_entity_poly.type   'polypeptide(L)'
_entity_poly.pdbx_seq_one_letter_code
;SSVILTNYMDTQYYGEIGIGTPPQTFKVVFDTGSSNVWVPSSKCSRLYTACVYHKLFDASDSSSYKHNGTELTLRYSTGT
VSGFLSQDIITVGGITVTQMFGEVTEMPALPFMLAEFDGVVGMGFIEQAIGRVTPIFDNIISQGVLKEDVFSFYYNRDSE
NSQSLGGQIVLGGSDPQHYEGNFHYINLIKTGVWQIQMKGVSVGSSTLLCEDGCLALVDTGASYISGSTSSIEKLMEALG
AKKRLFDYVVKCNEGPTLPDISFHLGGKEYTLTSADYVFQESYSSKKLCTLAIHAMDIPPPTGPTWALGATFIRKFYTEF
DRRNNRIGFALAR
;
_entity_poly.pdbx_strand_id   A,B
#
loop_
_chem_comp.id
_chem_comp.type
_chem_comp.name
_chem_comp.formula
L1A non-polymer N-(MORPHOLIN-4-YLSULFONYL)-L-PHENYLALANYL-3-(2-AMINO-1,3-THIAZOL-4-YL)-N-{(1R,2R,3S)-1-[(1R)-CYCLOHEX-3-EN-1-YLMETHYL]-2,3-DIHYDROXY-5-METHYLHEXYL}-L-ALANINAMIDE 'C33 H50 N6 O7 S2'
#
# COMPACT_ATOMS: atom_id res chain seq x y z
N SER A 1 29.06 -15.66 -20.80
CA SER A 1 27.77 -15.92 -20.18
C SER A 1 27.30 -14.74 -19.38
N SER A 2 25.99 -14.59 -19.28
CA SER A 2 25.41 -13.52 -18.52
C SER A 2 24.46 -14.11 -17.48
N VAL A 3 24.28 -13.40 -16.38
CA VAL A 3 23.38 -13.84 -15.33
C VAL A 3 22.42 -12.69 -15.09
N ILE A 4 21.11 -12.97 -15.13
CA ILE A 4 20.15 -11.91 -14.90
C ILE A 4 19.97 -11.67 -13.40
N LEU A 5 20.07 -10.42 -12.99
CA LEU A 5 19.92 -10.08 -11.58
C LEU A 5 18.56 -9.45 -11.26
N THR A 6 18.13 -9.62 -10.03
CA THR A 6 16.88 -9.06 -9.55
C THR A 6 17.28 -7.94 -8.61
N ASN A 7 16.55 -6.83 -8.68
CA ASN A 7 16.83 -5.67 -7.86
C ASN A 7 15.72 -5.48 -6.84
N TYR A 8 16.05 -5.70 -5.57
CA TYR A 8 15.09 -5.53 -4.51
C TYR A 8 15.43 -4.25 -3.79
N MET A 9 14.60 -3.24 -4.01
CA MET A 9 14.71 -1.92 -3.41
C MET A 9 16.07 -1.24 -3.48
N ASP A 10 16.83 -1.50 -4.54
CA ASP A 10 18.15 -0.90 -4.72
C ASP A 10 19.17 -1.32 -3.66
N THR A 11 18.80 -2.26 -2.80
CA THR A 11 19.72 -2.69 -1.76
C THR A 11 20.16 -4.13 -1.85
N GLN A 12 19.47 -4.93 -2.67
CA GLN A 12 19.82 -6.34 -2.84
C GLN A 12 19.76 -6.80 -4.29
N TYR A 13 20.93 -7.07 -4.87
CA TYR A 13 21.01 -7.55 -6.24
C TYR A 13 21.42 -9.01 -6.18
N TYR A 14 20.53 -9.88 -6.63
CA TYR A 14 20.83 -11.29 -6.62
C TYR A 14 20.43 -11.97 -7.91
N GLY A 15 21.06 -13.10 -8.17
CA GLY A 15 20.78 -13.88 -9.36
C GLY A 15 20.53 -15.32 -8.92
N GLU A 16 20.34 -16.22 -9.87
CA GLU A 16 20.08 -17.59 -9.51
C GLU A 16 21.14 -18.57 -9.95
N ILE A 17 21.30 -19.64 -9.17
CA ILE A 17 22.26 -20.69 -9.47
C ILE A 17 21.62 -22.04 -9.10
N GLY A 18 21.96 -23.08 -9.85
CA GLY A 18 21.44 -24.40 -9.56
C GLY A 18 22.54 -25.22 -8.93
N ILE A 19 22.19 -26.05 -7.95
CA ILE A 19 23.19 -26.90 -7.31
C ILE A 19 22.68 -28.33 -7.23
N GLY A 20 23.56 -29.28 -7.54
CA GLY A 20 23.16 -30.68 -7.47
C GLY A 20 22.42 -31.24 -8.67
N THR A 21 22.15 -32.54 -8.60
CA THR A 21 21.47 -33.27 -9.66
C THR A 21 20.34 -34.06 -9.04
N PRO A 22 19.10 -33.69 -9.34
CA PRO A 22 18.73 -32.58 -10.22
C PRO A 22 19.04 -31.24 -9.54
N PRO A 23 19.08 -30.15 -10.32
CA PRO A 23 19.38 -28.80 -9.82
C PRO A 23 18.47 -28.25 -8.73
N GLN A 24 19.09 -27.81 -7.63
CA GLN A 24 18.38 -27.19 -6.51
C GLN A 24 18.67 -25.71 -6.73
N THR A 25 17.61 -24.92 -6.78
CA THR A 25 17.69 -23.49 -7.04
C THR A 25 17.95 -22.61 -5.84
N PHE A 26 18.79 -21.61 -6.03
CA PHE A 26 19.14 -20.67 -4.96
C PHE A 26 19.29 -19.27 -5.50
N LYS A 27 18.96 -18.29 -4.66
CA LYS A 27 19.13 -16.88 -5.00
C LYS A 27 20.34 -16.46 -4.23
N VAL A 28 21.34 -15.91 -4.93
CA VAL A 28 22.55 -15.50 -4.26
C VAL A 28 23.02 -14.15 -4.72
N VAL A 29 23.81 -13.49 -3.87
CA VAL A 29 24.40 -12.21 -4.15
C VAL A 29 25.79 -12.53 -4.69
N PHE A 30 26.23 -11.82 -5.73
CA PHE A 30 27.58 -12.03 -6.26
C PHE A 30 28.43 -10.96 -5.62
N ASP A 31 29.28 -11.42 -4.70
CA ASP A 31 30.13 -10.56 -3.90
C ASP A 31 31.61 -10.48 -4.32
N THR A 32 32.03 -9.35 -4.87
CA THR A 32 33.42 -9.17 -5.26
C THR A 32 34.20 -8.95 -3.99
N GLY A 33 33.49 -8.80 -2.87
CA GLY A 33 34.14 -8.57 -1.59
C GLY A 33 34.60 -9.80 -0.83
N SER A 34 34.20 -10.99 -1.27
CA SER A 34 34.60 -12.22 -0.62
C SER A 34 34.92 -13.25 -1.68
N SER A 35 35.33 -14.45 -1.27
CA SER A 35 35.68 -15.48 -2.26
C SER A 35 35.09 -16.87 -2.09
N ASN A 36 34.20 -17.08 -1.12
CA ASN A 36 33.58 -18.39 -0.93
C ASN A 36 32.18 -18.43 -1.52
N VAL A 37 31.64 -19.64 -1.62
CA VAL A 37 30.28 -19.85 -2.11
C VAL A 37 29.56 -20.56 -0.97
N TRP A 38 28.33 -20.13 -0.65
CA TRP A 38 27.56 -20.79 0.39
C TRP A 38 26.06 -20.58 0.23
N VAL A 39 25.29 -21.54 0.73
CA VAL A 39 23.84 -21.48 0.68
C VAL A 39 23.36 -22.11 1.97
N PRO A 40 22.10 -21.87 2.36
CA PRO A 40 21.61 -22.47 3.60
C PRO A 40 21.53 -23.98 3.42
N SER A 41 21.80 -24.72 4.50
CA SER A 41 21.77 -26.17 4.43
C SER A 41 20.54 -26.79 5.06
N SER A 42 20.12 -27.93 4.53
CA SER A 42 18.96 -28.62 5.05
C SER A 42 19.29 -29.14 6.44
N LYS A 43 20.58 -29.12 6.78
CA LYS A 43 21.01 -29.60 8.07
C LYS A 43 21.05 -28.44 9.06
N CYS A 44 20.55 -27.30 8.61
CA CYS A 44 20.51 -26.12 9.47
C CYS A 44 19.34 -26.26 10.43
N SER A 45 19.64 -26.17 11.72
CA SER A 45 18.61 -26.27 12.75
C SER A 45 17.49 -25.28 12.48
N ARG A 46 16.26 -25.76 12.57
CA ARG A 46 15.12 -24.89 12.32
C ARG A 46 14.90 -23.85 13.44
N LEU A 47 15.69 -23.92 14.51
CA LEU A 47 15.58 -22.93 15.58
C LEU A 47 16.07 -21.59 15.00
N TYR A 48 16.88 -21.66 13.94
CA TYR A 48 17.35 -20.46 13.24
C TYR A 48 16.23 -20.11 12.24
N THR A 49 15.43 -19.11 12.56
CA THR A 49 14.31 -18.74 11.71
C THR A 49 14.71 -18.38 10.28
N ALA A 50 15.91 -17.83 10.10
CA ALA A 50 16.37 -17.49 8.76
C ALA A 50 16.46 -18.73 7.86
N CYS A 51 16.69 -19.89 8.45
CA CYS A 51 16.76 -21.13 7.67
C CYS A 51 15.38 -21.64 7.32
N VAL A 52 14.40 -21.23 8.12
CA VAL A 52 13.00 -21.60 7.89
C VAL A 52 12.47 -20.75 6.72
N TYR A 53 13.03 -19.56 6.56
CA TYR A 53 12.60 -18.62 5.50
C TYR A 53 13.41 -18.60 4.20
N HIS A 54 14.35 -19.53 4.05
CA HIS A 54 15.14 -19.57 2.83
C HIS A 54 15.27 -20.98 2.23
N LYS A 55 15.64 -21.04 0.96
CA LYS A 55 15.83 -22.32 0.29
C LYS A 55 16.98 -23.03 0.99
N LEU A 56 16.86 -24.35 1.13
CA LEU A 56 17.87 -25.16 1.80
C LEU A 56 18.43 -26.24 0.90
N PHE A 57 19.75 -26.38 0.85
CA PHE A 57 20.32 -27.41 0.02
C PHE A 57 20.27 -28.75 0.73
N ASP A 58 19.72 -29.75 0.06
CA ASP A 58 19.65 -31.07 0.65
C ASP A 58 20.55 -32.01 -0.14
N ALA A 59 21.66 -32.39 0.47
CA ALA A 59 22.64 -33.28 -0.15
C ALA A 59 22.06 -34.65 -0.45
N SER A 60 21.13 -35.08 0.38
CA SER A 60 20.51 -36.39 0.21
C SER A 60 19.61 -36.49 -1.01
N ASP A 61 19.38 -35.36 -1.68
CA ASP A 61 18.54 -35.37 -2.89
C ASP A 61 19.38 -35.15 -4.14
N SER A 62 20.69 -34.96 -3.96
CA SER A 62 21.59 -34.74 -5.10
C SER A 62 22.44 -35.96 -5.36
N SER A 63 22.39 -36.47 -6.59
CA SER A 63 23.17 -37.65 -6.96
C SER A 63 24.59 -37.29 -7.39
N SER A 64 24.86 -36.00 -7.48
CA SER A 64 26.19 -35.54 -7.87
C SER A 64 26.98 -35.06 -6.65
N TYR A 65 26.33 -35.00 -5.50
CA TYR A 65 26.96 -34.57 -4.26
C TYR A 65 28.26 -35.32 -3.92
N LYS A 66 29.21 -34.61 -3.34
CA LYS A 66 30.48 -35.19 -2.92
C LYS A 66 30.74 -34.63 -1.53
N HIS A 67 30.82 -35.51 -0.55
CA HIS A 67 31.04 -35.07 0.84
C HIS A 67 32.45 -34.58 1.16
N ASN A 68 32.54 -33.71 2.17
CA ASN A 68 33.82 -33.22 2.63
C ASN A 68 33.70 -32.99 4.13
N GLY A 69 32.81 -32.07 4.52
CA GLY A 69 32.58 -31.85 5.93
C GLY A 69 33.48 -30.93 6.71
N THR A 70 34.43 -30.28 6.06
CA THR A 70 35.30 -29.37 6.81
C THR A 70 34.53 -28.15 7.29
N GLU A 71 34.58 -27.87 8.58
CA GLU A 71 33.86 -26.72 9.10
C GLU A 71 34.50 -25.41 8.66
N LEU A 72 33.66 -24.42 8.40
CA LEU A 72 34.17 -23.12 8.01
C LEU A 72 33.20 -22.09 8.50
N THR A 73 33.73 -20.90 8.75
CA THR A 73 32.92 -19.79 9.21
C THR A 73 33.27 -18.66 8.29
N LEU A 74 32.23 -17.96 7.83
CA LEU A 74 32.42 -16.84 6.92
C LEU A 74 32.02 -15.58 7.66
N ARG A 75 32.99 -14.69 7.87
CA ARG A 75 32.71 -13.44 8.56
C ARG A 75 32.62 -12.30 7.57
N TYR A 76 31.46 -11.66 7.54
CA TYR A 76 31.26 -10.53 6.65
C TYR A 76 31.05 -9.31 7.53
N SER A 77 31.16 -8.15 6.91
CA SER A 77 30.99 -6.90 7.64
C SER A 77 29.66 -6.75 8.37
N THR A 78 28.56 -7.20 7.77
CA THR A 78 27.28 -7.05 8.44
C THR A 78 26.70 -8.30 9.09
N GLY A 79 27.44 -9.41 9.05
CA GLY A 79 26.96 -10.65 9.65
C GLY A 79 27.89 -11.84 9.44
N THR A 80 27.65 -12.91 10.18
CA THR A 80 28.48 -14.10 10.06
C THR A 80 27.66 -15.36 9.83
N VAL A 81 28.24 -16.33 9.13
CA VAL A 81 27.56 -17.60 8.88
C VAL A 81 28.55 -18.74 9.11
N SER A 82 28.05 -19.85 9.61
CA SER A 82 28.88 -20.98 9.90
C SER A 82 28.28 -22.25 9.30
N GLY A 83 29.15 -23.20 8.99
CA GLY A 83 28.71 -24.47 8.42
C GLY A 83 29.85 -25.41 8.03
N PHE A 84 29.68 -26.14 6.94
CA PHE A 84 30.71 -27.05 6.50
C PHE A 84 30.78 -27.09 4.98
N LEU A 85 31.88 -27.65 4.48
CA LEU A 85 32.08 -27.75 3.04
C LEU A 85 31.47 -29.01 2.43
N SER A 86 31.01 -28.88 1.19
CA SER A 86 30.45 -29.96 0.40
C SER A 86 30.87 -29.63 -1.03
N GLN A 87 30.78 -30.61 -1.92
CA GLN A 87 31.13 -30.38 -3.32
C GLN A 87 29.97 -30.87 -4.18
N ASP A 88 29.69 -30.14 -5.25
CA ASP A 88 28.63 -30.55 -6.16
C ASP A 88 28.68 -29.66 -7.38
N ILE A 89 28.02 -30.07 -8.46
CA ILE A 89 28.04 -29.28 -9.68
C ILE A 89 27.14 -28.07 -9.50
N ILE A 90 27.59 -26.93 -10.01
CA ILE A 90 26.82 -25.69 -9.92
C ILE A 90 26.65 -25.08 -11.31
N THR A 91 25.46 -24.58 -11.59
CA THR A 91 25.20 -23.97 -12.88
C THR A 91 25.09 -22.47 -12.68
N VAL A 92 25.77 -21.72 -13.55
CA VAL A 92 25.76 -20.27 -13.50
C VAL A 92 25.65 -19.75 -14.92
N GLY A 93 24.47 -19.28 -15.29
CA GLY A 93 24.29 -18.77 -16.64
C GLY A 93 24.67 -19.75 -17.73
N GLY A 94 24.21 -20.98 -17.62
CA GLY A 94 24.53 -21.96 -18.64
C GLY A 94 25.87 -22.65 -18.51
N ILE A 95 26.69 -22.16 -17.59
CA ILE A 95 28.00 -22.78 -17.38
C ILE A 95 27.88 -23.70 -16.19
N THR A 96 28.32 -24.95 -16.36
CA THR A 96 28.27 -25.94 -15.29
C THR A 96 29.68 -26.10 -14.77
N VAL A 97 29.83 -26.10 -13.45
CA VAL A 97 31.14 -26.24 -12.83
C VAL A 97 31.06 -27.05 -11.55
N THR A 98 32.03 -27.93 -11.33
CA THR A 98 32.09 -28.71 -10.10
C THR A 98 32.65 -27.71 -9.08
N GLN A 99 31.91 -27.46 -8.00
CA GLN A 99 32.35 -26.47 -7.03
C GLN A 99 32.27 -26.87 -5.57
N MET A 100 33.28 -26.45 -4.81
CA MET A 100 33.33 -26.71 -3.39
C MET A 100 32.62 -25.50 -2.78
N PHE A 101 31.59 -25.76 -1.98
CA PHE A 101 30.84 -24.66 -1.35
C PHE A 101 30.48 -24.98 0.10
N GLY A 102 30.01 -23.96 0.81
CA GLY A 102 29.65 -24.14 2.18
C GLY A 102 28.16 -24.34 2.40
N GLU A 103 27.84 -25.36 3.21
CA GLU A 103 26.45 -25.64 3.56
C GLU A 103 26.36 -24.98 4.93
N VAL A 104 25.50 -23.98 5.04
CA VAL A 104 25.37 -23.25 6.29
C VAL A 104 24.37 -23.86 7.25
N THR A 105 24.82 -24.04 8.49
CA THR A 105 24.00 -24.62 9.54
C THR A 105 23.71 -23.61 10.63
N GLU A 106 24.31 -22.43 10.53
CA GLU A 106 24.09 -21.36 11.50
C GLU A 106 23.94 -20.05 10.75
N MET A 107 22.72 -19.53 10.75
CA MET A 107 22.40 -18.32 10.03
C MET A 107 21.56 -17.38 10.88
N PRO A 108 22.20 -16.38 11.49
CA PRO A 108 21.52 -15.39 12.35
C PRO A 108 20.37 -14.56 11.77
N ALA A 109 19.29 -14.51 12.54
CA ALA A 109 18.06 -13.79 12.21
C ALA A 109 18.35 -12.40 11.68
N LEU A 110 19.23 -11.70 12.36
CA LEU A 110 19.62 -10.38 11.91
C LEU A 110 21.04 -10.64 11.46
N PRO A 111 21.37 -10.30 10.20
CA PRO A 111 20.52 -9.68 9.17
C PRO A 111 19.80 -10.57 8.16
N PHE A 112 20.02 -11.88 8.22
CA PHE A 112 19.44 -12.73 7.21
C PHE A 112 17.93 -12.82 7.05
N MET A 113 17.18 -12.49 8.08
CA MET A 113 15.73 -12.48 7.95
C MET A 113 15.34 -11.29 7.06
N LEU A 114 16.31 -10.42 6.72
CA LEU A 114 16.04 -9.26 5.87
C LEU A 114 16.51 -9.53 4.44
N ALA A 115 17.08 -10.70 4.23
CA ALA A 115 17.57 -11.08 2.92
C ALA A 115 16.52 -11.70 2.02
N GLU A 116 16.30 -11.09 0.86
CA GLU A 116 15.34 -11.63 -0.10
C GLU A 116 16.03 -12.76 -0.85
N PHE A 117 17.34 -12.88 -0.66
CA PHE A 117 18.14 -13.92 -1.31
C PHE A 117 18.48 -15.03 -0.31
N ASP A 118 19.09 -16.10 -0.81
CA ASP A 118 19.47 -17.25 0.01
C ASP A 118 20.92 -17.33 0.41
N GLY A 119 21.81 -17.23 -0.58
CA GLY A 119 23.21 -17.34 -0.28
C GLY A 119 24.15 -16.37 -0.95
N VAL A 120 25.39 -16.79 -1.09
CA VAL A 120 26.41 -15.94 -1.67
C VAL A 120 27.37 -16.67 -2.60
N VAL A 121 27.84 -15.95 -3.61
CA VAL A 121 28.81 -16.47 -4.56
C VAL A 121 29.91 -15.43 -4.54
N GLY A 122 31.02 -15.75 -3.90
CA GLY A 122 32.13 -14.81 -3.84
C GLY A 122 32.84 -14.69 -5.17
N MET A 123 33.12 -13.45 -5.60
CA MET A 123 33.81 -13.21 -6.86
C MET A 123 35.24 -12.74 -6.63
N GLY A 124 35.69 -12.84 -5.38
CA GLY A 124 37.03 -12.42 -5.02
C GLY A 124 38.10 -13.44 -5.37
N PHE A 125 39.37 -13.08 -5.11
CA PHE A 125 40.51 -13.96 -5.39
C PHE A 125 40.65 -15.03 -4.33
N ILE A 126 41.32 -16.12 -4.70
CA ILE A 126 41.51 -17.24 -3.77
C ILE A 126 42.27 -16.80 -2.52
N GLU A 127 43.07 -15.74 -2.65
CA GLU A 127 43.83 -15.25 -1.52
C GLU A 127 42.90 -14.97 -0.34
N GLN A 128 41.69 -14.47 -0.64
CA GLN A 128 40.69 -14.15 0.38
C GLN A 128 39.73 -15.28 0.74
N ALA A 129 39.94 -16.45 0.12
CA ALA A 129 39.09 -17.60 0.36
C ALA A 129 39.36 -18.27 1.69
N ILE A 130 38.29 -18.55 2.43
CA ILE A 130 38.40 -19.21 3.71
C ILE A 130 38.47 -20.71 3.42
N GLY A 131 39.32 -21.41 4.15
CA GLY A 131 39.49 -22.84 3.93
C GLY A 131 40.26 -23.11 2.66
N ARG A 132 40.87 -22.05 2.11
CA ARG A 132 41.66 -22.15 0.88
C ARG A 132 40.91 -22.89 -0.24
N VAL A 133 39.60 -22.70 -0.30
CA VAL A 133 38.75 -23.31 -1.32
C VAL A 133 38.88 -22.53 -2.62
N THR A 134 38.93 -23.21 -3.75
CA THR A 134 39.03 -22.50 -5.03
C THR A 134 37.73 -21.76 -5.33
N PRO A 135 37.84 -20.47 -5.71
CA PRO A 135 36.69 -19.62 -6.04
C PRO A 135 35.99 -20.11 -7.30
N ILE A 136 34.69 -19.87 -7.39
CA ILE A 136 33.97 -20.34 -8.56
C ILE A 136 34.47 -19.75 -9.88
N PHE A 137 34.91 -18.49 -9.88
CA PHE A 137 35.37 -17.93 -11.14
C PHE A 137 36.65 -18.61 -11.63
N ASP A 138 37.56 -18.92 -10.72
CA ASP A 138 38.80 -19.59 -11.13
C ASP A 138 38.43 -20.90 -11.82
N ASN A 139 37.49 -21.62 -11.22
CA ASN A 139 37.08 -22.91 -11.77
C ASN A 139 36.48 -22.78 -13.17
N ILE A 140 35.73 -21.71 -13.42
CA ILE A 140 35.11 -21.52 -14.74
C ILE A 140 36.22 -21.19 -15.73
N ILE A 141 37.21 -20.44 -15.28
CA ILE A 141 38.33 -20.07 -16.13
C ILE A 141 39.16 -21.30 -16.49
N SER A 142 39.28 -22.24 -15.56
CA SER A 142 40.04 -23.46 -15.81
C SER A 142 39.48 -24.22 -16.99
N GLN A 143 38.19 -24.00 -17.26
CA GLN A 143 37.55 -24.69 -18.37
C GLN A 143 38.04 -24.08 -19.68
N GLY A 144 38.70 -22.93 -19.59
CA GLY A 144 39.21 -22.27 -20.78
C GLY A 144 38.16 -22.15 -21.86
N VAL A 145 37.04 -21.49 -21.53
CA VAL A 145 35.95 -21.30 -22.46
C VAL A 145 35.56 -19.82 -22.52
N LEU A 146 35.68 -19.13 -21.40
CA LEU A 146 35.36 -17.72 -21.36
C LEU A 146 36.30 -16.97 -22.31
N LYS A 147 35.73 -16.13 -23.17
CA LYS A 147 36.51 -15.35 -24.14
C LYS A 147 37.60 -14.53 -23.48
N GLU A 148 37.28 -13.89 -22.37
CA GLU A 148 38.24 -13.08 -21.64
C GLU A 148 38.24 -13.46 -20.18
N ASP A 149 39.33 -13.09 -19.51
CA ASP A 149 39.52 -13.37 -18.10
C ASP A 149 39.00 -12.21 -17.25
N VAL A 150 37.73 -11.87 -17.46
CA VAL A 150 37.10 -10.77 -16.74
C VAL A 150 35.60 -10.98 -16.58
N PHE A 151 35.00 -10.25 -15.64
CA PHE A 151 33.56 -10.31 -15.44
C PHE A 151 33.04 -8.91 -15.11
N SER A 152 31.90 -8.57 -15.71
CA SER A 152 31.32 -7.24 -15.56
C SER A 152 30.03 -7.21 -14.76
N PHE A 153 29.78 -6.08 -14.10
CA PHE A 153 28.58 -5.89 -13.30
C PHE A 153 27.76 -4.70 -13.76
N TYR A 154 26.45 -4.89 -13.84
CA TYR A 154 25.52 -3.83 -14.22
C TYR A 154 24.35 -3.82 -13.22
N TYR A 155 24.21 -2.72 -12.48
CA TYR A 155 23.12 -2.57 -11.49
C TYR A 155 22.14 -1.46 -11.88
N ASN A 156 20.94 -1.87 -12.26
CA ASN A 156 19.92 -0.92 -12.65
C ASN A 156 19.27 -0.26 -11.45
N ARG A 157 18.67 0.89 -11.69
CA ARG A 157 17.95 1.59 -10.66
C ARG A 157 16.68 0.74 -10.54
N ASP A 158 16.09 0.70 -9.36
CA ASP A 158 14.90 -0.10 -9.15
C ASP A 158 13.71 0.48 -9.91
N SER A 159 12.99 -0.36 -10.63
CA SER A 159 11.82 0.12 -11.36
C SER A 159 10.59 -0.32 -10.58
N GLU A 160 9.42 0.12 -11.03
CA GLU A 160 8.18 -0.24 -10.37
C GLU A 160 7.45 -1.30 -11.20
N ASN A 161 7.94 -1.52 -12.42
CA ASN A 161 7.35 -2.51 -13.33
C ASN A 161 8.34 -3.63 -13.62
N SER A 162 8.12 -4.79 -12.99
CA SER A 162 8.99 -5.94 -13.17
C SER A 162 9.05 -6.47 -14.61
N GLN A 163 9.62 -5.66 -15.49
CA GLN A 163 9.79 -6.01 -16.91
C GLN A 163 11.11 -5.39 -17.34
N SER A 164 11.78 -4.76 -16.38
CA SER A 164 13.07 -4.13 -16.60
C SER A 164 14.02 -4.93 -15.72
N LEU A 165 15.09 -5.45 -16.32
CA LEU A 165 16.05 -6.25 -15.58
C LEU A 165 16.64 -5.46 -14.41
N GLY A 166 16.72 -6.10 -13.25
CA GLY A 166 17.26 -5.46 -12.08
C GLY A 166 18.76 -5.25 -12.24
N GLY A 167 19.41 -6.16 -12.96
CA GLY A 167 20.83 -6.05 -13.17
C GLY A 167 21.39 -7.16 -14.03
N GLN A 168 22.68 -7.09 -14.34
CA GLN A 168 23.30 -8.11 -15.17
C GLN A 168 24.80 -8.30 -14.96
N ILE A 169 25.22 -9.55 -14.85
CA ILE A 169 26.62 -9.87 -14.71
C ILE A 169 27.06 -10.57 -15.99
N VAL A 170 28.16 -10.12 -16.58
CA VAL A 170 28.66 -10.77 -17.76
C VAL A 170 29.92 -11.51 -17.34
N LEU A 171 29.90 -12.82 -17.57
CA LEU A 171 31.03 -13.69 -17.27
C LEU A 171 31.86 -13.81 -18.55
N GLY A 172 33.10 -13.31 -18.51
CA GLY A 172 33.96 -13.36 -19.68
C GLY A 172 33.93 -12.14 -20.60
N GLY A 173 33.55 -10.97 -20.07
CA GLY A 173 33.50 -9.79 -20.90
C GLY A 173 32.59 -8.70 -20.37
N SER A 174 32.02 -7.91 -21.27
CA SER A 174 31.11 -6.83 -20.90
C SER A 174 29.99 -6.70 -21.92
N ASP A 175 28.87 -6.09 -21.52
CA ASP A 175 27.76 -5.89 -22.43
C ASP A 175 27.72 -4.41 -22.81
N PRO A 176 28.13 -4.10 -24.04
CA PRO A 176 28.19 -2.74 -24.62
C PRO A 176 26.86 -2.05 -24.44
N GLN A 177 25.81 -2.85 -24.45
CA GLN A 177 24.46 -2.36 -24.31
C GLN A 177 24.20 -1.61 -23.00
N HIS A 178 25.01 -1.84 -21.98
CA HIS A 178 24.81 -1.19 -20.67
C HIS A 178 25.83 -0.16 -20.18
N TYR A 179 26.69 0.32 -21.08
CA TYR A 179 27.69 1.32 -20.74
C TYR A 179 28.02 2.13 -21.98
N GLU A 180 28.40 3.38 -21.79
CA GLU A 180 28.75 4.24 -22.89
C GLU A 180 30.08 4.94 -22.63
N GLY A 181 30.69 5.47 -23.67
CA GLY A 181 31.97 6.10 -23.51
C GLY A 181 32.99 4.99 -23.39
N ASN A 182 34.20 5.32 -22.97
CA ASN A 182 35.25 4.35 -22.83
C ASN A 182 35.42 3.93 -21.37
N PHE A 183 36.03 2.77 -21.19
CA PHE A 183 36.31 2.28 -19.86
C PHE A 183 37.53 3.04 -19.37
N HIS A 184 37.68 3.13 -18.06
CA HIS A 184 38.83 3.80 -17.46
C HIS A 184 39.28 2.88 -16.34
N TYR A 185 40.50 2.36 -16.47
CA TYR A 185 41.02 1.43 -15.50
C TYR A 185 41.93 2.00 -14.42
N ILE A 186 42.04 1.25 -13.34
CA ILE A 186 42.91 1.60 -12.22
C ILE A 186 43.46 0.26 -11.80
N ASN A 187 44.78 0.12 -11.78
CA ASN A 187 45.36 -1.16 -11.38
C ASN A 187 45.11 -1.40 -9.90
N LEU A 188 44.96 -2.68 -9.55
CA LEU A 188 44.72 -3.07 -8.17
C LEU A 188 45.96 -2.82 -7.32
N ILE A 189 45.73 -2.42 -6.07
CA ILE A 189 46.83 -2.19 -5.14
C ILE A 189 47.31 -3.55 -4.67
N LYS A 190 46.80 -3.98 -3.52
CA LYS A 190 47.17 -5.27 -2.91
C LYS A 190 46.93 -6.44 -3.88
N THR A 191 47.53 -7.59 -3.56
CA THR A 191 47.39 -8.77 -4.40
C THR A 191 46.22 -9.66 -3.96
N GLY A 192 45.31 -9.96 -4.89
CA GLY A 192 44.17 -10.80 -4.55
C GLY A 192 43.03 -10.09 -3.82
N VAL A 193 42.82 -8.81 -4.16
CA VAL A 193 41.75 -8.02 -3.55
C VAL A 193 41.25 -6.96 -4.54
N TRP A 194 39.96 -6.95 -4.81
CA TRP A 194 39.38 -5.97 -5.74
C TRP A 194 39.35 -4.62 -5.06
N GLN A 195 40.56 -4.14 -4.76
CA GLN A 195 40.75 -2.86 -4.09
C GLN A 195 41.73 -2.01 -4.89
N ILE A 196 41.41 -0.73 -5.03
CA ILE A 196 42.25 0.19 -5.77
C ILE A 196 42.55 1.43 -4.94
N GLN A 197 43.56 2.16 -5.36
CA GLN A 197 43.97 3.38 -4.67
C GLN A 197 43.00 4.51 -5.02
N MET A 198 42.54 5.23 -4.01
CA MET A 198 41.64 6.36 -4.22
C MET A 198 42.46 7.60 -3.93
N LYS A 199 42.50 8.52 -4.89
CA LYS A 199 43.30 9.74 -4.74
C LYS A 199 42.64 10.86 -3.96
N GLY A 200 41.33 10.77 -3.77
CA GLY A 200 40.64 11.80 -3.01
C GLY A 200 39.12 11.68 -3.04
N VAL A 201 38.47 12.29 -2.06
CA VAL A 201 37.02 12.29 -1.93
C VAL A 201 36.57 13.71 -1.64
N SER A 202 35.76 14.29 -2.53
CA SER A 202 35.29 15.66 -2.31
C SER A 202 33.78 15.78 -2.19
N VAL A 203 33.35 16.70 -1.35
CA VAL A 203 31.94 16.96 -1.12
C VAL A 203 31.69 18.41 -1.49
N GLY A 204 31.41 18.66 -2.76
CA GLY A 204 31.17 20.01 -3.23
C GLY A 204 32.47 20.72 -3.54
N SER A 205 32.65 21.91 -2.96
CA SER A 205 33.85 22.72 -3.17
C SER A 205 34.84 22.52 -2.03
N SER A 206 35.16 21.26 -1.71
CA SER A 206 36.08 20.97 -0.63
C SER A 206 36.51 19.50 -0.56
N THR A 207 37.74 19.21 -1.00
CA THR A 207 38.29 17.86 -0.95
C THR A 207 38.60 17.62 0.52
N LEU A 208 37.58 17.79 1.35
CA LEU A 208 37.70 17.64 2.78
C LEU A 208 37.93 16.20 3.27
N LEU A 209 37.87 15.23 2.36
CA LEU A 209 38.07 13.84 2.77
C LEU A 209 39.15 13.10 1.97
N CYS A 210 39.70 12.06 2.59
CA CYS A 210 40.74 11.23 1.97
C CYS A 210 41.83 12.05 1.27
N GLU A 211 42.34 13.08 1.93
CA GLU A 211 43.41 13.84 1.32
C GLU A 211 44.60 12.91 1.55
N ASP A 212 45.68 13.10 0.82
CA ASP A 212 46.85 12.24 1.00
C ASP A 212 46.61 10.80 0.51
N GLY A 213 45.41 10.54 0.00
CA GLY A 213 45.11 9.22 -0.51
C GLY A 213 44.53 8.22 0.48
N CYS A 214 43.79 7.26 -0.06
CA CYS A 214 43.15 6.22 0.75
C CYS A 214 42.87 5.03 -0.14
N LEU A 215 42.24 4.01 0.41
CA LEU A 215 41.93 2.82 -0.37
C LEU A 215 40.45 2.69 -0.66
N ALA A 216 40.13 1.98 -1.74
CA ALA A 216 38.74 1.77 -2.11
C ALA A 216 38.48 0.35 -2.60
N LEU A 217 37.65 -0.36 -1.85
CA LEU A 217 37.28 -1.72 -2.21
C LEU A 217 36.04 -1.57 -3.11
N VAL A 218 36.08 -2.18 -4.30
CA VAL A 218 34.95 -2.11 -5.23
C VAL A 218 34.11 -3.35 -4.90
N ASP A 219 33.07 -3.12 -4.12
CA ASP A 219 32.24 -4.19 -3.60
C ASP A 219 30.83 -4.45 -4.15
N THR A 220 30.70 -5.44 -5.03
CA THR A 220 29.39 -5.76 -5.61
C THR A 220 28.41 -6.30 -4.56
N GLY A 221 28.95 -6.79 -3.45
CA GLY A 221 28.12 -7.34 -2.40
C GLY A 221 27.80 -6.33 -1.31
N ALA A 222 27.98 -5.06 -1.63
CA ALA A 222 27.68 -4.00 -0.67
C ALA A 222 26.51 -3.17 -1.19
N SER A 223 25.54 -2.90 -0.33
CA SER A 223 24.40 -2.10 -0.71
C SER A 223 24.78 -0.64 -0.83
N TYR A 224 25.50 -0.13 0.15
CA TYR A 224 25.90 1.27 0.17
C TYR A 224 27.39 1.48 -0.04
N ILE A 225 27.75 2.75 -0.17
CA ILE A 225 29.13 3.14 -0.28
C ILE A 225 29.50 3.27 1.21
N SER A 226 30.72 2.86 1.57
CA SER A 226 31.14 2.93 2.97
C SER A 226 32.55 3.49 3.15
N GLY A 227 32.75 4.13 4.30
CA GLY A 227 34.03 4.67 4.67
C GLY A 227 34.19 4.33 6.14
N SER A 228 35.34 4.66 6.73
CA SER A 228 35.56 4.39 8.16
C SER A 228 34.64 5.28 9.00
N THR A 229 34.34 4.85 10.22
CA THR A 229 33.48 5.65 11.09
C THR A 229 33.96 7.12 11.03
N SER A 230 35.26 7.31 11.19
CA SER A 230 35.86 8.64 11.16
C SER A 230 35.50 9.40 9.89
N SER A 231 35.73 8.78 8.73
CA SER A 231 35.43 9.42 7.45
C SER A 231 33.95 9.78 7.35
N ILE A 232 33.10 8.81 7.67
CA ILE A 232 31.67 9.02 7.59
C ILE A 232 31.19 10.13 8.50
N GLU A 233 31.66 10.15 9.74
CA GLU A 233 31.22 11.19 10.66
C GLU A 233 31.53 12.57 10.07
N LYS A 234 32.65 12.70 9.38
CA LYS A 234 33.01 13.98 8.78
C LYS A 234 32.13 14.30 7.57
N LEU A 235 31.96 13.31 6.70
CA LEU A 235 31.14 13.50 5.51
C LEU A 235 29.72 13.84 5.92
N MET A 236 29.16 13.04 6.81
CA MET A 236 27.80 13.26 7.27
C MET A 236 27.54 14.63 7.88
N GLU A 237 28.46 15.15 8.71
CA GLU A 237 28.21 16.47 9.28
C GLU A 237 28.26 17.53 8.19
N ALA A 238 29.01 17.26 7.12
CA ALA A 238 29.12 18.19 6.00
C ALA A 238 27.83 18.12 5.16
N LEU A 239 27.01 17.12 5.44
CA LEU A 239 25.75 16.96 4.74
C LEU A 239 24.57 17.32 5.65
N GLY A 240 24.85 17.48 6.94
CA GLY A 240 23.79 17.80 7.87
C GLY A 240 22.94 16.58 8.13
N ALA A 241 23.59 15.41 8.11
CA ALA A 241 22.90 14.16 8.34
C ALA A 241 22.96 13.77 9.81
N LYS A 242 21.95 13.03 10.25
CA LYS A 242 21.85 12.57 11.63
C LYS A 242 21.87 11.05 11.64
N LYS A 243 22.65 10.49 12.55
CA LYS A 243 22.78 9.05 12.65
C LYS A 243 21.63 8.43 13.44
N ARG A 244 20.91 7.50 12.83
CA ARG A 244 19.84 6.83 13.55
C ARG A 244 20.44 5.54 14.11
N LEU A 245 20.02 4.37 13.61
CA LEU A 245 20.62 3.16 14.14
C LEU A 245 22.07 3.11 13.69
N PHE A 246 22.33 2.40 12.60
CA PHE A 246 23.68 2.30 12.11
C PHE A 246 23.88 2.95 10.74
N ASP A 247 22.96 3.82 10.36
CA ASP A 247 23.07 4.53 9.08
C ASP A 247 22.55 5.97 9.24
N TYR A 248 22.69 6.79 8.20
CA TYR A 248 22.28 8.19 8.29
C TYR A 248 21.04 8.64 7.52
N VAL A 249 20.49 9.77 7.94
CA VAL A 249 19.30 10.33 7.30
C VAL A 249 19.37 11.86 7.26
N VAL A 250 18.58 12.42 6.36
CA VAL A 250 18.45 13.87 6.15
C VAL A 250 16.95 14.14 6.09
N LYS A 251 16.54 15.39 6.33
CA LYS A 251 15.13 15.74 6.24
C LYS A 251 14.86 15.68 4.75
N CYS A 252 13.84 14.92 4.35
CA CYS A 252 13.57 14.76 2.92
C CYS A 252 13.61 16.02 2.06
N ASN A 253 12.97 17.09 2.51
CA ASN A 253 12.98 18.32 1.73
C ASN A 253 14.41 18.81 1.48
N GLU A 254 15.36 18.27 2.22
CA GLU A 254 16.75 18.69 2.06
C GLU A 254 17.56 17.84 1.10
N GLY A 255 17.10 16.61 0.84
CA GLY A 255 17.82 15.73 -0.05
C GLY A 255 18.24 16.27 -1.41
N PRO A 256 17.31 16.88 -2.16
CA PRO A 256 17.61 17.43 -3.49
C PRO A 256 18.69 18.51 -3.48
N THR A 257 18.80 19.26 -2.39
CA THR A 257 19.79 20.33 -2.33
C THR A 257 21.15 19.89 -1.81
N LEU A 258 21.30 18.60 -1.51
CA LEU A 258 22.58 18.11 -1.02
C LEU A 258 23.58 18.24 -2.16
N PRO A 259 24.87 18.41 -1.81
CA PRO A 259 25.96 18.55 -2.78
C PRO A 259 26.42 17.25 -3.43
N ASP A 260 27.23 17.40 -4.47
CA ASP A 260 27.80 16.25 -5.18
C ASP A 260 28.92 15.65 -4.37
N ILE A 261 29.12 14.34 -4.50
CA ILE A 261 30.18 13.65 -3.81
C ILE A 261 31.02 13.04 -4.91
N SER A 262 32.32 13.30 -4.89
CA SER A 262 33.20 12.78 -5.94
C SER A 262 34.29 11.87 -5.39
N PHE A 263 34.67 10.89 -6.21
CA PHE A 263 35.71 9.95 -5.84
C PHE A 263 36.80 9.98 -6.91
N HIS A 264 37.98 10.46 -6.53
CA HIS A 264 39.10 10.57 -7.47
C HIS A 264 39.79 9.21 -7.63
N LEU A 265 39.51 8.53 -8.74
CA LEU A 265 40.10 7.22 -8.99
C LEU A 265 40.92 7.19 -10.29
N GLY A 266 42.22 6.93 -10.14
CA GLY A 266 43.11 6.86 -11.29
C GLY A 266 43.03 8.07 -12.21
N GLY A 267 42.94 9.26 -11.62
CA GLY A 267 42.85 10.46 -12.43
C GLY A 267 41.55 10.48 -13.21
N LYS A 268 40.44 10.75 -12.50
CA LYS A 268 39.12 10.82 -13.09
C LYS A 268 38.05 10.95 -12.00
N GLU A 269 37.41 12.11 -11.93
CA GLU A 269 36.39 12.33 -10.92
C GLU A 269 35.10 11.58 -11.21
N TYR A 270 34.74 10.66 -10.34
CA TYR A 270 33.49 9.91 -10.47
C TYR A 270 32.52 10.60 -9.51
N THR A 271 31.60 11.36 -10.08
CA THR A 271 30.67 12.14 -9.28
C THR A 271 29.27 11.60 -9.04
N LEU A 272 28.86 11.59 -7.77
CA LEU A 272 27.54 11.15 -7.39
C LEU A 272 26.68 12.35 -7.02
N THR A 273 25.55 12.48 -7.70
CA THR A 273 24.60 13.54 -7.46
C THR A 273 23.78 13.14 -6.23
N SER A 274 23.11 14.08 -5.58
CA SER A 274 22.28 13.71 -4.44
C SER A 274 21.23 12.68 -4.88
N ALA A 275 20.68 12.86 -6.07
CA ALA A 275 19.69 11.92 -6.57
C ALA A 275 20.27 10.51 -6.65
N ASP A 276 21.59 10.43 -6.75
CA ASP A 276 22.29 9.14 -6.83
C ASP A 276 22.52 8.43 -5.50
N TYR A 277 22.59 9.17 -4.40
CA TYR A 277 22.87 8.56 -3.11
C TYR A 277 21.85 8.74 -1.99
N VAL A 278 20.74 9.39 -2.26
CA VAL A 278 19.72 9.55 -1.23
C VAL A 278 18.44 8.89 -1.70
N PHE A 279 17.79 8.17 -0.80
CA PHE A 279 16.52 7.54 -1.12
C PHE A 279 15.46 8.62 -0.94
N GLN A 280 15.21 9.34 -2.03
CA GLN A 280 14.23 10.41 -2.05
C GLN A 280 12.80 9.85 -2.13
N GLU A 281 12.23 9.49 -0.98
CA GLU A 281 10.90 8.91 -0.96
C GLU A 281 9.84 9.88 -0.51
N SER A 282 10.21 11.15 -0.42
CA SER A 282 9.30 12.22 -0.01
C SER A 282 10.07 13.51 -0.17
N TYR A 283 9.37 14.62 0.02
CA TYR A 283 9.98 15.93 -0.11
C TYR A 283 9.61 16.72 1.14
N SER A 284 8.92 16.05 2.06
CA SER A 284 8.48 16.67 3.29
C SER A 284 9.58 16.96 4.27
N SER A 285 9.42 18.05 5.02
CA SER A 285 10.38 18.43 6.04
C SER A 285 10.00 17.64 7.29
N LYS A 286 8.82 17.02 7.23
CA LYS A 286 8.33 16.24 8.36
C LYS A 286 8.70 14.75 8.26
N LYS A 287 9.58 14.42 7.33
CA LYS A 287 10.01 13.03 7.17
C LYS A 287 11.50 12.93 6.96
N LEU A 288 12.03 11.76 7.31
CA LEU A 288 13.46 11.52 7.16
C LEU A 288 13.71 10.68 5.92
N CYS A 289 14.81 10.98 5.24
CA CYS A 289 15.19 10.27 4.04
C CYS A 289 16.58 9.68 4.25
N THR A 290 16.70 8.38 4.07
CA THR A 290 17.98 7.68 4.26
C THR A 290 19.01 7.96 3.16
N LEU A 291 20.29 7.89 3.54
CA LEU A 291 21.38 8.08 2.58
C LEU A 291 22.03 6.71 2.33
N ALA A 292 22.36 6.41 1.07
CA ALA A 292 22.97 5.13 0.74
C ALA A 292 24.46 5.12 1.01
N ILE A 293 24.82 5.54 2.22
CA ILE A 293 26.21 5.61 2.65
C ILE A 293 26.25 5.45 4.17
N HIS A 294 27.07 4.53 4.66
CA HIS A 294 27.19 4.34 6.10
C HIS A 294 28.58 3.84 6.47
N ALA A 295 28.90 3.91 7.76
CA ALA A 295 30.21 3.50 8.24
C ALA A 295 30.42 1.98 8.20
N MET A 296 31.64 1.57 7.91
CA MET A 296 31.97 0.17 7.83
C MET A 296 33.47 0.02 8.11
N ASP A 297 33.80 -0.36 9.34
CA ASP A 297 35.19 -0.53 9.72
C ASP A 297 35.71 -1.93 9.42
N ILE A 298 36.39 -2.01 8.27
CA ILE A 298 36.96 -3.25 7.77
C ILE A 298 38.37 -3.41 8.34
N PRO A 299 38.62 -4.55 9.01
CA PRO A 299 39.91 -4.89 9.63
C PRO A 299 41.01 -5.15 8.63
N PRO A 300 42.27 -4.95 9.05
CA PRO A 300 43.46 -5.17 8.23
C PRO A 300 43.63 -6.66 7.95
N PRO A 301 44.43 -7.01 6.93
CA PRO A 301 45.20 -6.12 6.05
C PRO A 301 44.41 -5.45 4.89
N THR A 302 43.13 -5.72 4.78
CA THR A 302 42.32 -5.12 3.72
C THR A 302 41.92 -3.70 4.09
N GLY A 303 41.51 -3.52 5.35
CA GLY A 303 41.10 -2.20 5.82
C GLY A 303 42.18 -1.57 6.69
N PRO A 304 42.01 -0.30 7.11
CA PRO A 304 40.87 0.58 6.83
C PRO A 304 40.76 0.90 5.34
N THR A 305 39.53 1.10 4.86
CA THR A 305 39.32 1.38 3.45
C THR A 305 37.90 1.79 3.15
N TRP A 306 37.71 2.59 2.10
CA TRP A 306 36.37 2.95 1.71
C TRP A 306 35.89 1.74 0.91
N ALA A 307 34.59 1.66 0.63
CA ALA A 307 34.06 0.56 -0.15
C ALA A 307 32.95 1.07 -1.06
N LEU A 308 33.14 0.89 -2.37
CA LEU A 308 32.20 1.33 -3.38
C LEU A 308 31.21 0.21 -3.73
N GLY A 309 29.97 0.35 -3.26
CA GLY A 309 28.95 -0.64 -3.52
C GLY A 309 27.90 -0.22 -4.53
N ALA A 310 26.71 -0.79 -4.43
CA ALA A 310 25.62 -0.50 -5.36
C ALA A 310 25.31 0.98 -5.60
N THR A 311 25.53 1.82 -4.61
CA THR A 311 25.26 3.25 -4.79
C THR A 311 26.12 3.80 -5.93
N PHE A 312 27.38 3.35 -5.96
CA PHE A 312 28.37 3.74 -6.96
C PHE A 312 28.21 2.98 -8.26
N ILE A 313 28.22 1.66 -8.17
CA ILE A 313 28.09 0.79 -9.33
C ILE A 313 26.85 1.10 -10.16
N ARG A 314 25.79 1.56 -9.50
CA ARG A 314 24.56 1.85 -10.21
C ARG A 314 24.78 2.93 -11.28
N LYS A 315 25.73 3.83 -11.06
CA LYS A 315 26.01 4.89 -12.01
C LYS A 315 27.15 4.51 -12.96
N PHE A 316 28.10 3.75 -12.45
CA PHE A 316 29.25 3.36 -13.27
C PHE A 316 29.38 1.84 -13.49
N TYR A 317 29.19 1.41 -14.72
CA TYR A 317 29.31 0.01 -15.11
C TYR A 317 30.73 -0.44 -14.75
N THR A 318 30.83 -1.58 -14.08
CA THR A 318 32.14 -2.05 -13.64
C THR A 318 32.61 -3.38 -14.24
N GLU A 319 33.85 -3.37 -14.71
CA GLU A 319 34.46 -4.56 -15.28
C GLU A 319 35.61 -4.96 -14.38
N PHE A 320 35.64 -6.24 -14.00
CA PHE A 320 36.72 -6.74 -13.14
C PHE A 320 37.67 -7.56 -14.01
N ASP A 321 38.85 -7.00 -14.25
CA ASP A 321 39.83 -7.64 -15.10
C ASP A 321 40.83 -8.50 -14.33
N ARG A 322 40.70 -9.81 -14.48
CA ARG A 322 41.57 -10.76 -13.81
C ARG A 322 43.00 -10.79 -14.35
N ARG A 323 43.14 -10.95 -15.66
CA ARG A 323 44.48 -11.03 -16.23
C ARG A 323 45.33 -9.81 -15.94
N ASN A 324 44.77 -8.63 -16.16
CA ASN A 324 45.51 -7.40 -15.94
C ASN A 324 45.43 -6.84 -14.52
N ASN A 325 44.80 -7.59 -13.62
CA ASN A 325 44.64 -7.17 -12.23
C ASN A 325 44.24 -5.70 -12.15
N ARG A 326 43.11 -5.37 -12.75
CA ARG A 326 42.64 -4.01 -12.74
C ARG A 326 41.11 -3.93 -12.78
N ILE A 327 40.59 -2.73 -12.53
CA ILE A 327 39.15 -2.49 -12.56
C ILE A 327 38.88 -1.37 -13.54
N GLY A 328 37.78 -1.48 -14.28
CA GLY A 328 37.42 -0.45 -15.23
C GLY A 328 36.02 0.06 -14.96
N PHE A 329 35.82 1.35 -15.18
CA PHE A 329 34.52 1.94 -14.96
C PHE A 329 34.08 2.61 -16.24
N ALA A 330 32.77 2.74 -16.38
CA ALA A 330 32.21 3.38 -17.55
C ALA A 330 30.79 3.79 -17.24
N LEU A 331 30.39 4.93 -17.78
CA LEU A 331 29.05 5.45 -17.57
C LEU A 331 28.00 4.38 -17.88
N ALA A 332 27.14 4.07 -16.89
CA ALA A 332 26.10 3.08 -17.10
C ALA A 332 24.92 3.68 -17.91
N ARG A 333 24.26 2.81 -18.66
CA ARG A 333 23.12 3.20 -19.47
C ARG A 333 21.99 2.17 -19.33
N SER B 1 -31.71 -10.46 11.04
CA SER B 1 -30.67 -10.68 10.05
C SER B 1 -29.81 -9.42 10.00
N SER B 2 -28.50 -9.60 9.95
CA SER B 2 -27.60 -8.46 9.93
C SER B 2 -26.58 -8.52 8.80
N VAL B 3 -26.30 -7.36 8.21
CA VAL B 3 -25.32 -7.26 7.15
C VAL B 3 -24.26 -6.27 7.59
N ILE B 4 -23.01 -6.69 7.60
CA ILE B 4 -21.91 -5.84 8.01
C ILE B 4 -21.58 -4.86 6.89
N LEU B 5 -21.26 -3.62 7.26
CA LEU B 5 -20.98 -2.59 6.28
C LEU B 5 -19.53 -2.09 6.25
N THR B 6 -19.14 -1.56 5.10
CA THR B 6 -17.82 -0.99 4.92
C THR B 6 -17.95 0.53 4.94
N ASN B 7 -17.12 1.16 5.76
CA ASN B 7 -17.14 2.61 5.87
C ASN B 7 -16.02 3.16 5.01
N TYR B 8 -16.40 3.89 3.96
CA TYR B 8 -15.44 4.49 3.07
C TYR B 8 -15.40 6.01 3.32
N MET B 9 -14.28 6.50 3.85
CA MET B 9 -14.09 7.93 4.12
C MET B 9 -15.28 8.66 4.76
N ASP B 10 -16.06 7.94 5.56
CA ASP B 10 -17.23 8.54 6.22
C ASP B 10 -18.28 9.09 5.27
N THR B 11 -18.17 8.84 3.97
CA THR B 11 -19.18 9.34 3.05
C THR B 11 -19.90 8.24 2.30
N GLN B 12 -19.40 7.01 2.39
CA GLN B 12 -20.01 5.88 1.71
C GLN B 12 -20.11 4.62 2.57
N TYR B 13 -21.34 4.20 2.85
CA TYR B 13 -21.59 3.02 3.65
C TYR B 13 -22.32 2.00 2.77
N TYR B 14 -21.79 0.79 2.73
CA TYR B 14 -22.40 -0.25 1.92
C TYR B 14 -22.07 -1.66 2.35
N GLY B 15 -22.93 -2.59 1.99
CA GLY B 15 -22.73 -3.98 2.36
C GLY B 15 -22.95 -4.89 1.16
N GLU B 16 -22.92 -6.19 1.39
CA GLU B 16 -23.09 -7.15 0.30
C GLU B 16 -24.46 -7.81 0.27
N ILE B 17 -24.92 -8.11 -0.94
CA ILE B 17 -26.18 -8.83 -1.15
C ILE B 17 -25.89 -9.77 -2.31
N GLY B 18 -26.53 -10.93 -2.32
CA GLY B 18 -26.30 -11.86 -3.39
C GLY B 18 -27.52 -11.88 -4.29
N ILE B 19 -27.31 -11.98 -5.59
CA ILE B 19 -28.42 -12.04 -6.53
C ILE B 19 -28.23 -13.20 -7.50
N GLY B 20 -29.23 -14.07 -7.57
CA GLY B 20 -29.17 -15.19 -8.47
C GLY B 20 -28.74 -16.49 -7.82
N THR B 21 -28.85 -17.57 -8.57
CA THR B 21 -28.46 -18.91 -8.11
C THR B 21 -27.60 -19.49 -9.21
N PRO B 22 -26.29 -19.62 -8.97
CA PRO B 22 -25.65 -19.21 -7.71
C PRO B 22 -25.58 -17.69 -7.59
N PRO B 23 -25.66 -17.17 -6.35
CA PRO B 23 -25.62 -15.75 -6.05
C PRO B 23 -24.38 -15.00 -6.53
N GLN B 24 -24.61 -13.85 -7.16
CA GLN B 24 -23.54 -12.97 -7.63
C GLN B 24 -23.53 -11.85 -6.58
N THR B 25 -22.37 -11.64 -5.94
CA THR B 25 -22.20 -10.64 -4.89
C THR B 25 -21.94 -9.20 -5.34
N PHE B 26 -22.75 -8.27 -4.85
CA PHE B 26 -22.63 -6.84 -5.17
C PHE B 26 -22.49 -5.98 -3.93
N LYS B 27 -21.92 -4.78 -4.10
CA LYS B 27 -21.77 -3.83 -3.00
C LYS B 27 -22.89 -2.80 -3.17
N VAL B 28 -23.81 -2.75 -2.21
CA VAL B 28 -24.92 -1.82 -2.31
C VAL B 28 -25.11 -0.92 -1.08
N VAL B 29 -25.64 0.27 -1.32
CA VAL B 29 -25.91 1.20 -0.24
C VAL B 29 -27.39 1.01 0.09
N PHE B 30 -27.70 0.82 1.38
CA PHE B 30 -29.07 0.65 1.80
C PHE B 30 -29.55 2.05 2.08
N ASP B 31 -30.50 2.51 1.25
CA ASP B 31 -31.04 3.87 1.31
C ASP B 31 -32.50 4.00 1.76
N THR B 32 -32.71 4.59 2.92
CA THR B 32 -34.05 4.80 3.46
C THR B 32 -34.74 5.96 2.72
N GLY B 33 -34.02 6.59 1.79
CA GLY B 33 -34.58 7.69 1.04
C GLY B 33 -35.24 7.29 -0.27
N SER B 34 -35.15 6.00 -0.63
CA SER B 34 -35.75 5.51 -1.86
C SER B 34 -36.27 4.09 -1.61
N SER B 35 -36.98 3.53 -2.59
CA SER B 35 -37.58 2.20 -2.42
C SER B 35 -37.30 1.11 -3.45
N ASN B 36 -36.34 1.34 -4.34
CA ASN B 36 -36.03 0.36 -5.36
C ASN B 36 -34.65 -0.25 -5.18
N VAL B 37 -34.50 -1.48 -5.67
CA VAL B 37 -33.23 -2.19 -5.62
C VAL B 37 -32.69 -2.19 -7.04
N TRP B 38 -31.39 -1.95 -7.19
CA TRP B 38 -30.80 -1.96 -8.52
C TRP B 38 -29.29 -2.18 -8.52
N VAL B 39 -28.81 -2.93 -9.50
CA VAL B 39 -27.40 -3.23 -9.66
C VAL B 39 -27.06 -3.02 -11.12
N PRO B 40 -25.77 -2.86 -11.46
CA PRO B 40 -25.35 -2.66 -12.84
C PRO B 40 -25.63 -3.92 -13.66
N SER B 41 -26.14 -3.75 -14.87
CA SER B 41 -26.45 -4.90 -15.73
C SER B 41 -25.33 -5.32 -16.68
N SER B 42 -25.31 -6.60 -17.01
CA SER B 42 -24.31 -7.12 -17.94
C SER B 42 -24.69 -6.56 -19.30
N LYS B 43 -25.98 -6.24 -19.44
CA LYS B 43 -26.52 -5.68 -20.67
C LYS B 43 -26.26 -4.19 -20.72
N CYS B 44 -25.36 -3.71 -19.86
CA CYS B 44 -25.00 -2.29 -19.84
C CYS B 44 -23.77 -2.10 -20.71
N SER B 45 -23.96 -1.45 -21.85
CA SER B 45 -22.87 -1.20 -22.78
C SER B 45 -21.72 -0.44 -22.15
N ARG B 46 -20.49 -0.75 -22.59
CA ARG B 46 -19.29 -0.10 -22.09
C ARG B 46 -19.28 1.38 -22.44
N LEU B 47 -20.32 1.81 -23.15
CA LEU B 47 -20.46 3.22 -23.53
C LEU B 47 -20.65 4.05 -22.26
N TYR B 48 -20.79 3.36 -21.13
CA TYR B 48 -20.94 3.99 -19.82
C TYR B 48 -19.78 3.53 -18.96
N THR B 49 -18.76 4.37 -18.86
CA THR B 49 -17.56 4.06 -18.07
C THR B 49 -17.87 3.51 -16.67
N ALA B 50 -19.03 3.86 -16.14
CA ALA B 50 -19.43 3.39 -14.81
C ALA B 50 -19.59 1.87 -14.80
N CYS B 51 -20.17 1.32 -15.86
CA CYS B 51 -20.38 -0.11 -15.94
C CYS B 51 -19.09 -0.90 -16.16
N VAL B 52 -17.99 -0.21 -16.42
CA VAL B 52 -16.73 -0.89 -16.64
C VAL B 52 -15.97 -1.09 -15.33
N TYR B 53 -16.21 -0.19 -14.38
CA TYR B 53 -15.54 -0.24 -13.09
C TYR B 53 -16.43 -0.77 -11.95
N HIS B 54 -17.53 -1.43 -12.31
CA HIS B 54 -18.43 -1.99 -11.32
C HIS B 54 -18.89 -3.40 -11.71
N LYS B 55 -19.28 -4.18 -10.72
CA LYS B 55 -19.73 -5.54 -10.98
C LYS B 55 -21.07 -5.51 -11.70
N LEU B 56 -21.20 -6.33 -12.72
CA LEU B 56 -22.41 -6.40 -13.51
C LEU B 56 -23.14 -7.71 -13.28
N PHE B 57 -24.46 -7.64 -13.23
CA PHE B 57 -25.28 -8.83 -13.04
C PHE B 57 -25.50 -9.47 -14.41
N ASP B 58 -25.42 -10.80 -14.44
CA ASP B 58 -25.59 -11.57 -15.67
C ASP B 58 -26.75 -12.53 -15.52
N ALA B 59 -27.94 -12.13 -15.97
CA ALA B 59 -29.14 -12.96 -15.84
C ALA B 59 -29.03 -14.39 -16.41
N SER B 60 -28.23 -14.56 -17.46
CA SER B 60 -28.07 -15.88 -18.07
C SER B 60 -27.21 -16.83 -17.24
N ASP B 61 -26.82 -16.39 -16.04
CA ASP B 61 -26.01 -17.23 -15.15
C ASP B 61 -26.78 -17.54 -13.87
N SER B 62 -28.10 -17.38 -13.92
CA SER B 62 -28.92 -17.64 -12.75
C SER B 62 -30.11 -18.53 -13.08
N SER B 63 -30.16 -19.70 -12.45
CA SER B 63 -31.25 -20.64 -12.66
C SER B 63 -32.55 -20.09 -12.07
N SER B 64 -32.43 -19.02 -11.28
CA SER B 64 -33.59 -18.41 -10.63
C SER B 64 -34.08 -17.14 -11.31
N TYR B 65 -33.32 -16.62 -12.27
CA TYR B 65 -33.73 -15.42 -12.96
C TYR B 65 -35.07 -15.63 -13.69
N LYS B 66 -36.01 -14.72 -13.46
CA LYS B 66 -37.33 -14.79 -14.09
C LYS B 66 -37.50 -13.48 -14.86
N HIS B 67 -37.25 -13.53 -16.16
CA HIS B 67 -37.34 -12.36 -17.03
C HIS B 67 -38.55 -11.42 -16.88
N ASN B 68 -38.29 -10.15 -17.16
CA ASN B 68 -39.27 -9.07 -17.14
C ASN B 68 -38.57 -7.90 -17.84
N GLY B 69 -39.32 -7.06 -18.54
CA GLY B 69 -38.67 -5.96 -19.23
C GLY B 69 -39.11 -4.57 -18.84
N THR B 70 -40.22 -4.47 -18.12
CA THR B 70 -40.75 -3.17 -17.69
C THR B 70 -39.57 -2.23 -17.42
N GLU B 71 -39.41 -1.23 -18.28
CA GLU B 71 -38.32 -0.29 -18.14
C GLU B 71 -38.62 0.74 -17.05
N LEU B 72 -37.57 1.24 -16.40
CA LEU B 72 -37.74 2.24 -15.34
C LEU B 72 -36.53 3.17 -15.19
N THR B 73 -36.81 4.38 -14.70
CA THR B 73 -35.78 5.38 -14.46
C THR B 73 -35.85 5.74 -12.98
N LEU B 74 -34.70 5.74 -12.31
CA LEU B 74 -34.64 6.06 -10.90
C LEU B 74 -33.83 7.33 -10.70
N ARG B 75 -34.51 8.38 -10.21
CA ARG B 75 -33.87 9.68 -9.97
C ARG B 75 -33.55 9.90 -8.48
N TYR B 76 -32.32 10.28 -8.20
CA TYR B 76 -31.88 10.56 -6.84
C TYR B 76 -31.38 11.99 -6.87
N SER B 77 -31.27 12.64 -5.72
CA SER B 77 -30.78 14.02 -5.74
C SER B 77 -29.35 14.05 -6.30
N THR B 78 -28.62 12.95 -6.17
CA THR B 78 -27.27 12.87 -6.73
C THR B 78 -27.25 11.71 -7.71
N GLY B 79 -27.50 12.00 -8.99
CA GLY B 79 -27.48 10.95 -10.01
C GLY B 79 -28.80 10.28 -10.33
N THR B 80 -28.89 9.75 -11.55
CA THR B 80 -30.08 9.05 -12.04
C THR B 80 -29.61 7.83 -12.83
N VAL B 81 -30.43 6.78 -12.87
CA VAL B 81 -30.07 5.58 -13.61
C VAL B 81 -31.29 5.00 -14.30
N SER B 82 -31.07 4.21 -15.35
CA SER B 82 -32.16 3.59 -16.10
C SER B 82 -31.88 2.13 -16.41
N GLY B 83 -32.94 1.40 -16.76
CA GLY B 83 -32.78 -0.02 -17.06
C GLY B 83 -34.12 -0.74 -17.09
N PHE B 84 -34.15 -1.98 -16.62
CA PHE B 84 -35.39 -2.77 -16.63
C PHE B 84 -35.55 -3.74 -15.45
N LEU B 85 -36.79 -4.03 -15.11
CA LEU B 85 -37.08 -4.93 -14.02
C LEU B 85 -36.74 -6.40 -14.33
N SER B 86 -36.28 -7.11 -13.31
CA SER B 86 -35.91 -8.52 -13.41
C SER B 86 -36.29 -9.16 -12.08
N GLN B 87 -36.58 -10.45 -12.08
CA GLN B 87 -36.95 -11.12 -10.85
C GLN B 87 -36.01 -12.26 -10.52
N ASP B 88 -35.36 -12.18 -9.37
CA ASP B 88 -34.43 -13.22 -8.95
C ASP B 88 -34.40 -13.31 -7.43
N ILE B 89 -33.57 -14.21 -6.92
CA ILE B 89 -33.47 -14.36 -5.48
C ILE B 89 -32.30 -13.52 -4.98
N ILE B 90 -32.58 -12.68 -3.99
CA ILE B 90 -31.56 -11.83 -3.40
C ILE B 90 -31.28 -12.32 -1.98
N THR B 91 -29.99 -12.36 -1.65
CA THR B 91 -29.54 -12.81 -0.35
C THR B 91 -29.07 -11.62 0.49
N VAL B 92 -29.68 -11.43 1.66
CA VAL B 92 -29.29 -10.35 2.54
C VAL B 92 -28.97 -10.96 3.90
N GLY B 93 -27.69 -11.06 4.21
CA GLY B 93 -27.28 -11.63 5.48
C GLY B 93 -28.02 -12.88 5.91
N GLY B 94 -27.81 -13.99 5.21
CA GLY B 94 -28.48 -15.22 5.60
C GLY B 94 -29.99 -15.30 5.35
N ILE B 95 -30.52 -14.34 4.61
CA ILE B 95 -31.94 -14.33 4.27
C ILE B 95 -32.09 -14.32 2.75
N THR B 96 -32.97 -15.18 2.24
CA THR B 96 -33.22 -15.26 0.79
C THR B 96 -34.65 -14.86 0.47
N VAL B 97 -34.81 -13.96 -0.51
CA VAL B 97 -36.12 -13.47 -0.90
C VAL B 97 -36.23 -13.16 -2.41
N THR B 98 -37.30 -13.62 -3.04
CA THR B 98 -37.53 -13.36 -4.47
C THR B 98 -37.86 -11.88 -4.60
N GLN B 99 -37.00 -11.14 -5.28
CA GLN B 99 -37.20 -9.70 -5.39
C GLN B 99 -37.17 -9.11 -6.79
N MET B 100 -38.00 -8.11 -7.03
CA MET B 100 -38.04 -7.42 -8.32
C MET B 100 -37.04 -6.27 -8.23
N PHE B 101 -35.91 -6.40 -8.92
CA PHE B 101 -34.90 -5.36 -8.89
C PHE B 101 -34.70 -4.87 -10.31
N GLY B 102 -33.88 -3.83 -10.48
CA GLY B 102 -33.66 -3.31 -11.80
C GLY B 102 -32.23 -3.51 -12.27
N GLU B 103 -32.08 -3.90 -13.53
CA GLU B 103 -30.76 -4.08 -14.10
C GLU B 103 -30.54 -2.74 -14.77
N VAL B 104 -29.55 -2.00 -14.28
CA VAL B 104 -29.28 -0.68 -14.83
C VAL B 104 -28.42 -0.73 -16.08
N THR B 105 -28.99 -0.27 -17.20
CA THR B 105 -28.29 -0.26 -18.47
C THR B 105 -27.67 1.12 -18.71
N GLU B 106 -28.15 2.11 -17.96
CA GLU B 106 -27.65 3.48 -18.04
C GLU B 106 -27.18 3.98 -16.67
N MET B 107 -25.87 4.08 -16.51
CA MET B 107 -25.26 4.52 -15.26
C MET B 107 -24.27 5.63 -15.54
N PRO B 108 -24.71 6.89 -15.46
CA PRO B 108 -23.86 8.06 -15.71
C PRO B 108 -22.61 8.12 -14.85
N ALA B 109 -21.48 8.40 -15.49
CA ALA B 109 -20.20 8.47 -14.78
C ALA B 109 -20.29 9.46 -13.63
N LEU B 110 -21.15 10.46 -13.77
CA LEU B 110 -21.37 11.46 -12.73
C LEU B 110 -22.67 11.10 -12.04
N PRO B 111 -22.59 10.68 -10.77
CA PRO B 111 -21.37 10.55 -9.96
C PRO B 111 -20.96 9.10 -9.68
N PHE B 112 -21.59 8.14 -10.35
CA PHE B 112 -21.29 6.74 -10.09
C PHE B 112 -19.85 6.28 -10.35
N MET B 113 -19.04 7.12 -10.98
CA MET B 113 -17.65 6.75 -11.21
C MET B 113 -16.93 7.02 -9.90
N LEU B 114 -17.67 7.61 -8.96
CA LEU B 114 -17.13 7.94 -7.64
C LEU B 114 -17.63 6.95 -6.59
N ALA B 115 -18.59 6.13 -6.97
CA ALA B 115 -19.16 5.14 -6.06
C ALA B 115 -18.25 3.92 -5.90
N GLU B 116 -17.96 3.57 -4.65
CA GLU B 116 -17.12 2.43 -4.35
C GLU B 116 -18.02 1.20 -4.32
N PHE B 117 -19.32 1.46 -4.46
CA PHE B 117 -20.33 0.41 -4.46
C PHE B 117 -20.96 0.28 -5.84
N ASP B 118 -21.71 -0.79 -6.03
CA ASP B 118 -22.33 -1.05 -7.31
C ASP B 118 -23.79 -0.62 -7.41
N GLY B 119 -24.59 -0.96 -6.40
CA GLY B 119 -26.00 -0.63 -6.46
C GLY B 119 -26.60 -0.03 -5.21
N VAL B 120 -27.93 0.06 -5.22
CA VAL B 120 -28.68 0.63 -4.14
C VAL B 120 -29.82 -0.29 -3.71
N VAL B 121 -30.07 -0.36 -2.41
CA VAL B 121 -31.16 -1.16 -1.90
C VAL B 121 -32.11 -0.21 -1.18
N GLY B 122 -33.24 0.08 -1.81
CA GLY B 122 -34.22 0.98 -1.24
C GLY B 122 -34.87 0.47 0.02
N MET B 123 -34.73 1.22 1.11
CA MET B 123 -35.34 0.85 2.38
C MET B 123 -36.56 1.72 2.65
N GLY B 124 -36.91 2.53 1.65
CA GLY B 124 -38.08 3.39 1.79
C GLY B 124 -39.38 2.62 1.61
N PHE B 125 -40.52 3.31 1.74
CA PHE B 125 -41.83 2.69 1.62
C PHE B 125 -42.26 2.41 0.18
N ILE B 126 -43.19 1.47 0.01
CA ILE B 126 -43.69 1.11 -1.30
C ILE B 126 -44.30 2.31 -2.03
N GLU B 127 -44.80 3.28 -1.28
CA GLU B 127 -45.40 4.46 -1.89
C GLU B 127 -44.36 5.24 -2.72
N GLN B 128 -43.09 5.12 -2.34
CA GLN B 128 -42.02 5.81 -3.05
C GLN B 128 -41.37 4.92 -4.10
N ALA B 129 -41.75 3.64 -4.12
CA ALA B 129 -41.16 2.73 -5.08
C ALA B 129 -41.63 3.08 -6.49
N ILE B 130 -40.67 3.21 -7.40
CA ILE B 130 -40.99 3.51 -8.78
C ILE B 130 -41.42 2.25 -9.52
N GLY B 131 -42.60 2.31 -10.15
CA GLY B 131 -43.10 1.16 -10.87
C GLY B 131 -43.86 0.23 -9.96
N ARG B 132 -44.44 0.80 -8.90
CA ARG B 132 -45.21 0.07 -7.90
C ARG B 132 -44.60 -1.31 -7.57
N VAL B 133 -43.26 -1.36 -7.59
CA VAL B 133 -42.51 -2.57 -7.31
C VAL B 133 -42.36 -2.77 -5.79
N THR B 134 -42.87 -3.89 -5.29
CA THR B 134 -42.79 -4.18 -3.87
C THR B 134 -41.36 -4.07 -3.33
N PRO B 135 -41.15 -3.22 -2.31
CA PRO B 135 -39.84 -3.00 -1.68
C PRO B 135 -39.33 -4.30 -1.07
N ILE B 136 -38.02 -4.46 -1.01
CA ILE B 136 -37.45 -5.69 -0.48
C ILE B 136 -37.78 -5.97 0.99
N PHE B 137 -37.79 -4.94 1.82
CA PHE B 137 -38.07 -5.17 3.22
C PHE B 137 -39.46 -5.75 3.43
N ASP B 138 -40.43 -5.31 2.62
CA ASP B 138 -41.80 -5.81 2.74
C ASP B 138 -41.86 -7.28 2.33
N ASN B 139 -41.21 -7.61 1.22
CA ASN B 139 -41.19 -8.99 0.77
C ASN B 139 -40.68 -9.86 1.92
N ILE B 140 -39.64 -9.38 2.58
CA ILE B 140 -39.03 -10.12 3.70
C ILE B 140 -39.99 -10.23 4.88
N ILE B 141 -40.73 -9.15 5.15
CA ILE B 141 -41.71 -9.16 6.25
C ILE B 141 -42.83 -10.14 5.88
N SER B 142 -43.10 -10.25 4.58
CA SER B 142 -44.12 -11.16 4.12
C SER B 142 -43.79 -12.55 4.59
N GLN B 143 -42.49 -12.88 4.61
CA GLN B 143 -42.06 -14.22 5.03
C GLN B 143 -42.42 -14.56 6.47
N GLY B 144 -42.76 -13.54 7.26
CA GLY B 144 -43.11 -13.81 8.64
C GLY B 144 -42.03 -14.55 9.40
N VAL B 145 -40.79 -14.10 9.26
CA VAL B 145 -39.67 -14.74 9.96
C VAL B 145 -38.93 -13.75 10.88
N LEU B 146 -39.03 -12.45 10.60
CA LEU B 146 -38.36 -11.42 11.42
C LEU B 146 -38.99 -11.23 12.80
N LYS B 147 -38.14 -11.19 13.83
CA LYS B 147 -38.58 -11.01 15.20
C LYS B 147 -39.45 -9.75 15.37
N GLU B 148 -39.10 -8.66 14.69
CA GLU B 148 -39.89 -7.44 14.77
C GLU B 148 -39.90 -6.75 13.41
N ASP B 149 -40.95 -5.98 13.15
CA ASP B 149 -41.09 -5.28 11.88
C ASP B 149 -40.31 -3.96 11.86
N VAL B 150 -38.99 -4.05 11.99
CA VAL B 150 -38.14 -2.87 11.99
C VAL B 150 -36.73 -3.24 11.56
N PHE B 151 -35.95 -2.23 11.16
CA PHE B 151 -34.57 -2.42 10.80
C PHE B 151 -33.78 -1.26 11.39
N SER B 152 -32.54 -1.53 11.77
CA SER B 152 -31.69 -0.52 12.37
C SER B 152 -30.38 -0.27 11.62
N PHE B 153 -29.90 0.95 11.73
CA PHE B 153 -28.67 1.37 11.09
C PHE B 153 -27.61 1.81 12.10
N TYR B 154 -26.41 1.29 11.93
CA TYR B 154 -25.29 1.68 12.76
C TYR B 154 -24.18 2.11 11.81
N TYR B 155 -23.71 3.34 11.94
CA TYR B 155 -22.62 3.85 11.09
C TYR B 155 -21.51 4.22 12.05
N ASN B 156 -20.34 3.61 11.86
CA ASN B 156 -19.19 3.88 12.72
C ASN B 156 -18.40 5.05 12.15
N ARG B 157 -17.36 5.46 12.87
CA ARG B 157 -16.51 6.58 12.45
C ARG B 157 -15.23 6.03 11.83
N ASP B 158 -14.70 6.72 10.83
CA ASP B 158 -13.49 6.27 10.16
C ASP B 158 -12.28 6.19 11.09
N SER B 159 -11.67 5.02 11.14
CA SER B 159 -10.52 4.77 12.00
C SER B 159 -9.22 5.30 11.41
N GLU B 160 -8.65 4.52 10.50
CA GLU B 160 -7.38 4.84 9.81
C GLU B 160 -6.24 4.01 10.41
N ASN B 161 -6.43 3.58 11.65
CA ASN B 161 -5.45 2.78 12.38
C ASN B 161 -6.16 1.58 13.01
N SER B 162 -7.47 1.53 12.80
CA SER B 162 -8.31 0.46 13.33
C SER B 162 -9.12 -0.19 12.20
N GLN B 163 -8.95 -1.50 12.04
CA GLN B 163 -9.67 -2.25 11.02
C GLN B 163 -11.08 -2.51 11.54
N SER B 164 -11.61 -1.52 12.23
CA SER B 164 -12.93 -1.57 12.84
C SER B 164 -14.08 -1.94 11.89
N LEU B 165 -15.25 -2.13 12.49
CA LEU B 165 -16.49 -2.45 11.79
C LEU B 165 -16.94 -1.13 11.15
N GLY B 166 -17.21 -1.13 9.85
CA GLY B 166 -17.64 0.10 9.20
C GLY B 166 -19.02 0.55 9.62
N GLY B 167 -19.91 -0.41 9.81
CA GLY B 167 -21.28 -0.12 10.21
C GLY B 167 -22.09 -1.40 10.20
N GLN B 168 -23.35 -1.35 10.59
CA GLN B 168 -24.16 -2.56 10.61
C GLN B 168 -25.65 -2.28 10.47
N ILE B 169 -26.33 -3.13 9.71
CA ILE B 169 -27.77 -2.99 9.55
C ILE B 169 -28.40 -4.25 10.11
N VAL B 170 -29.39 -4.07 10.98
CA VAL B 170 -30.07 -5.22 11.55
C VAL B 170 -31.51 -5.21 11.05
N LEU B 171 -31.85 -6.26 10.29
CA LEU B 171 -33.19 -6.44 9.76
C LEU B 171 -33.94 -7.23 10.81
N GLY B 172 -35.06 -6.69 11.29
CA GLY B 172 -35.85 -7.40 12.29
C GLY B 172 -35.62 -6.98 13.73
N GLY B 173 -34.65 -6.10 13.96
CA GLY B 173 -34.39 -5.64 15.32
C GLY B 173 -33.31 -4.57 15.44
N SER B 174 -32.61 -4.55 16.57
CA SER B 174 -31.52 -3.60 16.83
C SER B 174 -30.43 -4.34 17.60
N ASP B 175 -29.22 -3.79 17.62
CA ASP B 175 -28.10 -4.43 18.30
C ASP B 175 -27.63 -3.61 19.52
N PRO B 176 -28.00 -4.06 20.71
CA PRO B 176 -27.64 -3.41 21.97
C PRO B 176 -26.16 -3.11 22.09
N GLN B 177 -25.34 -3.91 21.42
CA GLN B 177 -23.89 -3.71 21.43
C GLN B 177 -23.49 -2.38 20.83
N HIS B 178 -24.30 -1.84 19.93
CA HIS B 178 -23.93 -0.58 19.31
C HIS B 178 -24.62 0.71 19.71
N TYR B 179 -25.41 0.68 20.79
CA TYR B 179 -26.04 1.90 21.27
C TYR B 179 -26.07 1.95 22.81
N GLU B 180 -26.23 3.16 23.32
CA GLU B 180 -26.24 3.40 24.75
C GLU B 180 -27.69 3.65 25.19
N GLY B 181 -28.08 3.14 26.35
CA GLY B 181 -29.43 3.35 26.88
C GLY B 181 -30.61 2.78 26.09
N ASN B 182 -31.76 3.45 26.16
CA ASN B 182 -32.97 3.01 25.45
C ASN B 182 -33.33 4.04 24.39
N PHE B 183 -34.13 3.63 23.42
CA PHE B 183 -34.57 4.52 22.35
C PHE B 183 -35.68 5.48 22.77
N HIS B 184 -35.77 6.56 22.02
CA HIS B 184 -36.84 7.53 22.17
C HIS B 184 -37.28 7.67 20.71
N TYR B 185 -38.58 7.55 20.46
CA TYR B 185 -39.08 7.61 19.10
C TYR B 185 -39.75 8.92 18.72
N ILE B 186 -39.83 9.15 17.41
CA ILE B 186 -40.51 10.31 16.85
C ILE B 186 -41.37 9.72 15.75
N ASN B 187 -42.67 10.00 15.79
CA ASN B 187 -43.59 9.48 14.79
C ASN B 187 -43.39 10.17 13.46
N LEU B 188 -43.76 9.49 12.38
CA LEU B 188 -43.61 10.03 11.02
C LEU B 188 -44.70 11.06 10.71
N ILE B 189 -44.45 11.91 9.73
CA ILE B 189 -45.43 12.90 9.33
C ILE B 189 -46.55 12.14 8.62
N LYS B 190 -46.22 10.97 8.10
CA LYS B 190 -47.18 10.13 7.38
C LYS B 190 -46.44 8.93 6.83
N THR B 191 -47.15 7.84 6.57
CA THR B 191 -46.53 6.64 6.02
C THR B 191 -46.03 6.95 4.61
N GLY B 192 -45.05 6.17 4.14
CA GLY B 192 -44.55 6.39 2.80
C GLY B 192 -43.22 7.11 2.74
N VAL B 193 -42.87 7.82 3.81
CA VAL B 193 -41.61 8.56 3.83
C VAL B 193 -40.99 8.58 5.21
N TRP B 194 -39.71 8.24 5.30
CA TRP B 194 -39.01 8.28 6.57
C TRP B 194 -38.69 9.74 6.89
N GLN B 195 -39.75 10.54 7.00
CA GLN B 195 -39.62 11.96 7.28
C GLN B 195 -40.35 12.29 8.58
N ILE B 196 -39.76 13.16 9.40
CA ILE B 196 -40.40 13.53 10.65
C ILE B 196 -40.46 15.04 10.82
N GLN B 197 -41.15 15.49 11.86
CA GLN B 197 -41.29 16.90 12.16
C GLN B 197 -40.14 17.32 13.03
N MET B 198 -39.56 18.48 12.75
CA MET B 198 -38.45 19.02 13.52
C MET B 198 -38.91 20.40 14.01
N LYS B 199 -38.79 20.65 15.31
CA LYS B 199 -39.22 21.93 15.86
C LYS B 199 -38.10 22.92 16.11
N GLY B 200 -37.05 22.86 15.31
CA GLY B 200 -35.97 23.82 15.49
C GLY B 200 -34.55 23.27 15.58
N VAL B 201 -33.62 24.03 15.03
CA VAL B 201 -32.20 23.66 15.04
C VAL B 201 -31.38 24.75 15.74
N SER B 202 -30.74 24.39 16.85
CA SER B 202 -29.95 25.34 17.62
C SER B 202 -28.46 25.32 17.29
N VAL B 203 -27.85 26.49 17.26
CA VAL B 203 -26.43 26.60 17.03
C VAL B 203 -25.94 27.18 18.35
N GLY B 204 -25.32 26.33 19.15
CA GLY B 204 -24.88 26.80 20.45
C GLY B 204 -26.12 27.12 21.27
N SER B 205 -26.26 28.38 21.67
CA SER B 205 -27.40 28.82 22.46
C SER B 205 -28.23 29.83 21.67
N SER B 206 -28.86 29.36 20.57
CA SER B 206 -29.69 30.21 19.72
C SER B 206 -30.49 29.38 18.71
N THR B 207 -31.74 29.05 19.03
CA THR B 207 -32.57 28.30 18.08
C THR B 207 -32.90 29.28 16.96
N LEU B 208 -31.86 29.68 16.23
CA LEU B 208 -32.01 30.64 15.15
C LEU B 208 -32.41 30.00 13.82
N LEU B 209 -32.74 28.71 13.84
CA LEU B 209 -33.13 28.04 12.61
C LEU B 209 -34.36 27.16 12.74
N CYS B 210 -35.21 27.18 11.73
CA CYS B 210 -36.42 26.36 11.73
C CYS B 210 -37.22 26.69 12.98
N GLU B 211 -37.30 27.99 13.29
CA GLU B 211 -38.01 28.48 14.48
C GLU B 211 -39.48 28.02 14.54
N ASP B 212 -40.16 28.10 13.41
CA ASP B 212 -41.57 27.72 13.36
C ASP B 212 -41.79 26.34 12.75
N GLY B 213 -40.89 25.42 13.06
CA GLY B 213 -41.00 24.07 12.55
C GLY B 213 -40.61 23.89 11.08
N CYS B 214 -40.09 22.70 10.77
CA CYS B 214 -39.69 22.39 9.41
C CYS B 214 -39.64 20.86 9.34
N LEU B 215 -39.22 20.31 8.20
CA LEU B 215 -39.20 18.86 8.04
C LEU B 215 -37.80 18.25 8.06
N ALA B 216 -37.75 16.95 8.32
CA ALA B 216 -36.50 16.24 8.39
C ALA B 216 -36.57 14.79 7.92
N LEU B 217 -35.84 14.51 6.83
CA LEU B 217 -35.73 13.18 6.26
C LEU B 217 -34.61 12.46 7.02
N VAL B 218 -34.89 11.26 7.55
CA VAL B 218 -33.84 10.49 8.22
C VAL B 218 -33.35 9.62 7.08
N ASP B 219 -32.26 10.04 6.46
CA ASP B 219 -31.77 9.37 5.26
C ASP B 219 -30.42 8.69 5.37
N THR B 220 -30.43 7.37 5.39
CA THR B 220 -29.21 6.58 5.49
C THR B 220 -28.41 6.52 4.18
N GLY B 221 -29.01 7.02 3.10
CA GLY B 221 -28.33 7.02 1.81
C GLY B 221 -27.70 8.37 1.49
N ALA B 222 -27.55 9.21 2.51
CA ALA B 222 -26.95 10.54 2.36
C ALA B 222 -25.66 10.65 3.14
N SER B 223 -24.59 11.09 2.46
CA SER B 223 -23.29 11.23 3.10
C SER B 223 -23.33 12.25 4.24
N TYR B 224 -24.08 13.34 4.08
CA TYR B 224 -24.11 14.34 5.14
C TYR B 224 -25.50 14.78 5.62
N ILE B 225 -25.49 15.75 6.52
CA ILE B 225 -26.71 16.34 7.04
C ILE B 225 -26.96 17.46 6.03
N SER B 226 -28.21 17.70 5.68
CA SER B 226 -28.44 18.77 4.74
C SER B 226 -29.65 19.62 5.09
N GLY B 227 -29.60 20.84 4.60
CA GLY B 227 -30.68 21.77 4.80
C GLY B 227 -30.84 22.49 3.49
N SER B 228 -31.76 23.45 3.43
CA SER B 228 -31.98 24.22 2.21
C SER B 228 -30.76 25.11 2.03
N THR B 229 -30.54 25.57 0.81
CA THR B 229 -29.43 26.44 0.53
C THR B 229 -29.38 27.58 1.54
N SER B 230 -30.50 28.30 1.69
CA SER B 230 -30.57 29.41 2.62
C SER B 230 -30.30 28.95 4.05
N SER B 231 -31.04 27.95 4.51
CA SER B 231 -30.84 27.42 5.86
C SER B 231 -29.35 27.21 6.13
N ILE B 232 -28.67 26.52 5.23
CA ILE B 232 -27.24 26.25 5.37
C ILE B 232 -26.40 27.52 5.35
N GLU B 233 -26.79 28.50 4.54
CA GLU B 233 -26.05 29.75 4.47
C GLU B 233 -26.05 30.44 5.84
N LYS B 234 -27.20 30.41 6.49
CA LYS B 234 -27.32 31.03 7.81
C LYS B 234 -26.58 30.19 8.83
N LEU B 235 -26.76 28.88 8.74
CA LEU B 235 -26.08 27.95 9.66
C LEU B 235 -24.58 28.20 9.64
N MET B 236 -24.02 28.24 8.43
CA MET B 236 -22.59 28.46 8.27
C MET B 236 -22.15 29.83 8.76
N GLU B 237 -22.99 30.84 8.58
CA GLU B 237 -22.67 32.19 9.02
C GLU B 237 -22.55 32.25 10.53
N ALA B 238 -23.36 31.41 11.20
CA ALA B 238 -23.37 31.35 12.65
C ALA B 238 -22.17 30.58 13.19
N LEU B 239 -21.60 29.72 12.36
CA LEU B 239 -20.43 28.93 12.78
C LEU B 239 -19.13 29.62 12.41
N GLY B 240 -19.19 30.55 11.46
CA GLY B 240 -18.00 31.24 11.04
C GLY B 240 -17.32 30.50 9.91
N ALA B 241 -18.08 29.67 9.21
CA ALA B 241 -17.55 28.91 8.08
C ALA B 241 -17.63 29.73 6.80
N LYS B 242 -16.61 29.59 5.96
CA LYS B 242 -16.54 30.30 4.69
C LYS B 242 -16.56 29.29 3.55
N LYS B 243 -17.12 29.70 2.41
CA LYS B 243 -17.16 28.80 1.25
C LYS B 243 -15.93 29.00 0.35
N ARG B 244 -15.10 27.97 0.31
CA ARG B 244 -13.87 27.92 -0.46
C ARG B 244 -14.13 27.66 -1.96
N LEU B 245 -14.20 26.40 -2.36
CA LEU B 245 -14.48 26.03 -3.75
C LEU B 245 -15.97 25.79 -3.84
N PHE B 246 -16.39 24.64 -3.33
CA PHE B 246 -17.79 24.27 -3.32
C PHE B 246 -18.17 23.99 -1.88
N ASP B 247 -17.17 23.86 -1.02
CA ASP B 247 -17.45 23.55 0.37
C ASP B 247 -17.11 24.62 1.40
N TYR B 248 -17.80 24.53 2.54
CA TYR B 248 -17.60 25.45 3.65
C TYR B 248 -16.47 24.87 4.48
N VAL B 249 -15.55 25.73 4.91
CA VAL B 249 -14.43 25.29 5.71
C VAL B 249 -14.26 26.16 6.94
N VAL B 250 -13.34 25.76 7.80
CA VAL B 250 -13.03 26.46 9.03
C VAL B 250 -11.56 26.17 9.31
N LYS B 251 -10.86 27.09 9.98
CA LYS B 251 -9.46 26.82 10.28
C LYS B 251 -9.52 25.58 11.17
N CYS B 252 -8.73 24.56 10.83
CA CYS B 252 -8.75 23.32 11.59
C CYS B 252 -8.58 23.45 13.11
N ASN B 253 -7.72 24.35 13.56
CA ASN B 253 -7.51 24.50 15.00
C ASN B 253 -8.72 25.13 15.70
N GLU B 254 -9.48 25.94 14.96
CA GLU B 254 -10.64 26.59 15.56
C GLU B 254 -11.85 25.64 15.64
N GLY B 255 -11.71 24.46 15.06
CA GLY B 255 -12.81 23.50 15.09
C GLY B 255 -13.45 23.39 16.46
N PRO B 256 -12.65 23.07 17.49
CA PRO B 256 -13.03 22.91 18.91
C PRO B 256 -13.72 24.12 19.55
N THR B 257 -13.81 25.23 18.82
CA THR B 257 -14.48 26.41 19.38
C THR B 257 -15.87 26.58 18.78
N LEU B 258 -16.19 25.75 17.79
CA LEU B 258 -17.49 25.84 17.15
C LEU B 258 -18.58 25.33 18.07
N PRO B 259 -19.74 25.99 18.04
CA PRO B 259 -20.90 25.64 18.86
C PRO B 259 -21.51 24.30 18.52
N ASP B 260 -22.16 23.70 19.51
CA ASP B 260 -22.82 22.43 19.32
C ASP B 260 -24.03 22.73 18.46
N ILE B 261 -24.42 21.78 17.61
CA ILE B 261 -25.60 21.97 16.78
C ILE B 261 -26.68 21.00 17.26
N SER B 262 -27.81 21.56 17.69
CA SER B 262 -28.91 20.76 18.21
C SER B 262 -30.14 20.69 17.30
N PHE B 263 -30.64 19.47 17.12
CA PHE B 263 -31.83 19.25 16.31
C PHE B 263 -32.93 18.83 17.26
N HIS B 264 -33.98 19.65 17.36
CA HIS B 264 -35.07 19.31 18.26
C HIS B 264 -36.05 18.34 17.60
N LEU B 265 -35.99 17.09 18.04
CA LEU B 265 -36.88 16.06 17.49
C LEU B 265 -37.66 15.32 18.58
N GLY B 266 -38.98 15.32 18.46
CA GLY B 266 -39.82 14.64 19.42
C GLY B 266 -39.61 15.04 20.87
N GLY B 267 -39.46 16.33 21.12
CA GLY B 267 -39.28 16.78 22.49
C GLY B 267 -37.86 16.76 23.02
N LYS B 268 -37.03 15.86 22.50
CA LYS B 268 -35.64 15.79 22.94
C LYS B 268 -34.78 16.70 22.05
N GLU B 269 -33.52 16.89 22.42
CA GLU B 269 -32.60 17.71 21.64
C GLU B 269 -31.45 16.81 21.23
N TYR B 270 -31.27 16.60 19.94
CA TYR B 270 -30.18 15.75 19.49
C TYR B 270 -29.02 16.67 19.12
N THR B 271 -28.00 16.64 19.97
CA THR B 271 -26.84 17.50 19.82
C THR B 271 -25.58 16.88 19.23
N LEU B 272 -25.03 17.58 18.24
CA LEU B 272 -23.77 17.19 17.60
C LEU B 272 -22.73 18.26 17.96
N THR B 273 -21.56 17.82 18.42
CA THR B 273 -20.49 18.74 18.78
C THR B 273 -19.65 19.00 17.53
N SER B 274 -18.82 20.04 17.55
CA SER B 274 -18.00 20.35 16.39
C SER B 274 -17.18 19.13 16.01
N ALA B 275 -16.88 18.28 16.98
CA ALA B 275 -16.12 17.08 16.68
C ALA B 275 -16.98 16.11 15.87
N ASP B 276 -18.29 16.16 16.09
CA ASP B 276 -19.23 15.30 15.38
C ASP B 276 -19.47 15.72 13.93
N TYR B 277 -19.42 17.03 13.64
CA TYR B 277 -19.66 17.49 12.27
C TYR B 277 -18.48 18.09 11.52
N VAL B 278 -17.32 18.16 12.17
CA VAL B 278 -16.16 18.70 11.49
C VAL B 278 -15.18 17.60 11.12
N PHE B 279 -14.78 17.56 9.85
CA PHE B 279 -13.80 16.59 9.40
C PHE B 279 -12.44 17.11 9.85
N GLN B 280 -12.05 16.73 11.06
CA GLN B 280 -10.79 17.18 11.65
C GLN B 280 -9.56 16.42 11.21
N GLU B 281 -9.26 16.45 9.91
CA GLU B 281 -8.07 15.77 9.39
C GLU B 281 -6.95 16.15 10.35
N SER B 282 -6.69 17.45 10.45
CA SER B 282 -5.66 17.97 11.35
C SER B 282 -6.26 18.99 12.31
N TYR B 283 -5.48 19.41 13.30
CA TYR B 283 -5.95 20.40 14.25
C TYR B 283 -4.98 21.56 14.12
N SER B 284 -4.30 21.57 12.98
CA SER B 284 -3.30 22.58 12.68
C SER B 284 -3.90 23.94 12.37
N SER B 285 -3.23 24.99 12.83
CA SER B 285 -3.68 26.36 12.59
C SER B 285 -3.19 26.83 11.22
N LYS B 286 -2.44 25.96 10.54
CA LYS B 286 -1.91 26.28 9.22
C LYS B 286 -2.74 25.63 8.13
N LYS B 287 -3.84 24.97 8.50
CA LYS B 287 -4.68 24.29 7.51
C LYS B 287 -6.19 24.42 7.68
N LEU B 288 -6.90 24.10 6.60
CA LEU B 288 -8.35 24.19 6.54
C LEU B 288 -9.08 22.87 6.74
N CYS B 289 -10.23 22.93 7.39
CA CYS B 289 -11.04 21.74 7.64
C CYS B 289 -12.46 21.88 7.12
N THR B 290 -12.92 20.84 6.43
CA THR B 290 -14.25 20.84 5.85
C THR B 290 -15.32 20.35 6.83
N LEU B 291 -16.59 20.62 6.51
CA LEU B 291 -17.69 20.19 7.37
C LEU B 291 -18.53 19.09 6.73
N ALA B 292 -19.24 18.32 7.55
CA ALA B 292 -20.07 17.24 7.03
C ALA B 292 -21.54 17.64 6.93
N ILE B 293 -21.75 18.88 6.50
CA ILE B 293 -23.10 19.44 6.32
C ILE B 293 -23.07 20.18 5.00
N HIS B 294 -24.03 19.90 4.12
CA HIS B 294 -24.08 20.55 2.81
C HIS B 294 -25.48 21.05 2.48
N ALA B 295 -25.55 21.99 1.54
CA ALA B 295 -26.84 22.50 1.13
C ALA B 295 -27.40 21.46 0.19
N MET B 296 -28.69 21.19 0.30
CA MET B 296 -29.31 20.21 -0.57
C MET B 296 -30.77 20.62 -0.73
N ASP B 297 -31.07 21.29 -1.84
CA ASP B 297 -32.42 21.72 -2.09
C ASP B 297 -33.24 20.59 -2.71
N ILE B 298 -34.12 20.03 -1.90
CA ILE B 298 -34.98 18.91 -2.30
C ILE B 298 -36.35 19.40 -2.81
N PRO B 299 -36.70 19.06 -4.06
CA PRO B 299 -37.98 19.48 -4.64
C PRO B 299 -39.20 18.76 -4.04
N PRO B 300 -40.38 19.40 -4.12
CA PRO B 300 -41.63 18.83 -3.60
C PRO B 300 -41.97 17.57 -4.39
N PRO B 301 -42.87 16.73 -3.87
CA PRO B 301 -43.59 16.86 -2.59
C PRO B 301 -42.75 16.58 -1.34
N THR B 302 -41.69 15.80 -1.48
CA THR B 302 -40.85 15.46 -0.34
C THR B 302 -40.18 16.67 0.29
N GLY B 303 -39.68 17.57 -0.54
CA GLY B 303 -39.02 18.75 -0.03
C GLY B 303 -39.83 20.03 -0.20
N PRO B 304 -39.30 21.17 0.26
CA PRO B 304 -38.00 21.27 0.91
C PRO B 304 -37.98 20.68 2.32
N THR B 305 -36.85 20.11 2.70
CA THR B 305 -36.68 19.52 4.04
C THR B 305 -35.23 19.38 4.37
N TRP B 306 -34.98 19.23 5.67
CA TRP B 306 -33.63 19.00 6.13
C TRP B 306 -33.46 17.50 5.91
N ALA B 307 -32.21 17.05 5.81
CA ALA B 307 -31.98 15.63 5.63
C ALA B 307 -30.91 15.21 6.63
N LEU B 308 -31.25 14.26 7.48
CA LEU B 308 -30.29 13.76 8.46
C LEU B 308 -29.62 12.50 7.91
N GLY B 309 -28.39 12.66 7.45
CA GLY B 309 -27.69 11.52 6.88
C GLY B 309 -26.60 10.94 7.75
N ALA B 310 -25.59 10.38 7.11
CA ALA B 310 -24.47 9.77 7.80
C ALA B 310 -23.96 10.56 9.01
N THR B 311 -23.71 11.85 8.83
CA THR B 311 -23.21 12.68 9.94
C THR B 311 -24.05 12.51 11.21
N PHE B 312 -25.37 12.51 11.05
CA PHE B 312 -26.29 12.38 12.19
C PHE B 312 -26.38 10.95 12.72
N ILE B 313 -26.50 9.97 11.83
CA ILE B 313 -26.60 8.56 12.23
C ILE B 313 -25.34 8.07 12.94
N ARG B 314 -24.20 8.64 12.55
CA ARG B 314 -22.90 8.31 13.13
C ARG B 314 -22.93 8.60 14.64
N LYS B 315 -23.67 9.63 15.02
CA LYS B 315 -23.81 10.04 16.42
C LYS B 315 -24.94 9.26 17.12
N PHE B 316 -26.03 9.04 16.38
CA PHE B 316 -27.18 8.32 16.92
C PHE B 316 -27.59 7.06 16.13
N TYR B 317 -27.49 5.91 16.79
CA TYR B 317 -27.88 4.64 16.23
C TYR B 317 -29.39 4.83 15.93
N THR B 318 -29.84 4.38 14.77
CA THR B 318 -31.24 4.59 14.35
C THR B 318 -32.05 3.32 14.09
N GLU B 319 -33.30 3.32 14.54
CA GLU B 319 -34.17 2.18 14.34
C GLU B 319 -35.42 2.66 13.59
N PHE B 320 -35.62 2.11 12.39
CA PHE B 320 -36.77 2.47 11.57
C PHE B 320 -37.91 1.52 11.87
N ASP B 321 -38.90 2.05 12.58
CA ASP B 321 -40.07 1.28 13.02
C ASP B 321 -41.22 1.35 12.03
N ARG B 322 -41.30 0.31 11.20
CA ARG B 322 -42.34 0.18 10.18
C ARG B 322 -43.73 0.00 10.80
N ARG B 323 -43.80 -0.91 11.77
CA ARG B 323 -45.04 -1.20 12.45
C ARG B 323 -45.73 0.05 13.03
N ASN B 324 -44.97 0.89 13.71
CA ASN B 324 -45.54 2.09 14.32
C ASN B 324 -45.24 3.41 13.58
N ASN B 325 -44.86 3.31 12.30
CA ASN B 325 -44.54 4.50 11.50
C ASN B 325 -43.79 5.55 12.31
N ARG B 326 -42.72 5.11 12.96
CA ARG B 326 -41.93 6.02 13.77
C ARG B 326 -40.44 5.67 13.66
N ILE B 327 -39.60 6.60 14.10
CA ILE B 327 -38.16 6.40 14.07
C ILE B 327 -37.57 6.53 15.49
N GLY B 328 -36.70 5.60 15.85
CA GLY B 328 -36.10 5.66 17.18
C GLY B 328 -34.60 5.96 17.15
N PHE B 329 -34.15 6.81 18.07
CA PHE B 329 -32.75 7.18 18.15
C PHE B 329 -32.20 6.88 19.54
N ALA B 330 -30.91 6.54 19.58
CA ALA B 330 -30.21 6.27 20.84
C ALA B 330 -28.74 6.53 20.57
N LEU B 331 -28.03 7.01 21.58
CA LEU B 331 -26.61 7.32 21.40
C LEU B 331 -25.86 6.09 20.92
N ALA B 332 -25.20 6.20 19.78
CA ALA B 332 -24.45 5.09 19.21
C ALA B 332 -23.09 4.93 19.89
N ARG B 333 -22.60 3.70 19.96
CA ARG B 333 -21.32 3.45 20.59
C ARG B 333 -20.52 2.34 19.91
C1 L1A C . 20.11 -8.84 4.32
C2 L1A C . 21.41 -9.26 4.72
C3 L1A C . 22.55 -8.62 4.16
C4 L1A C . 22.41 -7.57 3.21
C5 L1A C . 21.11 -7.17 2.83
C6 L1A C . 19.96 -7.79 3.37
N1 L1A C . 26.50 -5.85 3.59
C7 L1A C . 25.47 -5.27 2.95
C8 L1A C . 24.08 -5.70 3.46
C9 L1A C . 23.64 -6.92 2.64
O1 L1A C . 25.59 -4.45 2.04
N2 L1A C . 23.12 -4.61 3.26
C10 L1A C . 28.69 -6.85 3.23
N3 L1A C . 28.92 -7.37 1.95
C11 L1A C . 30.78 -3.81 3.78
C12 L1A C . 29.48 -3.59 3.63
C13 L1A C . 28.37 -4.46 4.18
C14 L1A C . 27.87 -5.54 3.20
S1 L1A C . 31.76 -2.61 2.99
N4 L1A C . 30.32 -0.58 1.60
C15 L1A C . 30.34 -1.74 2.39
N5 L1A C . 29.22 -2.39 2.82
O2 L1A C . 29.05 -7.36 4.30
C16 L1A C . 29.64 -8.63 1.50
C17 L1A C . 29.19 -9.88 2.27
C18 L1A C . 31.19 -8.30 1.54
C19 L1A C . 31.99 -7.88 2.81
C20 L1A C . 33.47 -7.65 2.39
C21 L1A C . 34.50 -7.18 3.44
C22 L1A C . 34.30 -5.67 3.67
C23 L1A C . 35.94 -7.44 2.99
O3 L1A C . 31.28 -7.23 0.65
O4 L1A C . 31.98 -8.87 3.79
O5 L1A C . 21.42 -5.69 7.92
C24 L1A C . 20.45 -5.31 6.94
C25 L1A C . 21.17 -4.86 5.66
S2 L1A C . 23.02 -3.33 4.41
N6 L1A C . 22.21 -3.83 5.87
C26 L1A C . 23.13 -4.24 6.96
C27 L1A C . 22.37 -4.66 8.24
O6 L1A C . 22.19 -2.35 3.83
O7 L1A C . 24.37 -3.04 4.75
C28 L1A C . 26.86 -9.85 0.98
C29 L1A C . 27.71 -10.32 2.21
C30 L1A C . 26.91 -9.99 3.50
C31 L1A C . 25.60 -10.83 3.57
C32 L1A C . 25.03 -11.32 2.18
C33 L1A C . 25.41 -10.43 0.94
C1 L1A D . -21.00 8.10 -5.53
C2 L1A D . -22.31 8.44 -5.96
C3 L1A D . -23.26 8.88 -5.02
C4 L1A D . -22.93 8.97 -3.64
C5 L1A D . -21.61 8.63 -3.22
C6 L1A D . -20.65 8.20 -4.16
N1 L1A D . -26.29 11.39 -2.18
C7 L1A D . -25.10 11.33 -1.56
C8 L1A D . -23.94 10.97 -2.49
C9 L1A D . -23.95 9.44 -2.67
O1 L1A D . -24.93 11.54 -0.36
N2 L1A D . -22.69 11.40 -1.88
C10 L1A D . -28.64 10.90 -2.16
N3 L1A D . -28.99 9.76 -1.47
C11 L1A D . -29.74 14.24 -0.52
C12 L1A D . -28.46 13.88 -0.44
C13 L1A D . -27.67 13.24 -1.54
C14 L1A D . -27.51 11.71 -1.46
S1 L1A D . -30.34 14.95 0.96
N4 L1A D . -28.43 15.18 3.07
C15 L1A D . -28.77 14.79 1.75
N5 L1A D . -27.91 14.21 0.88
O2 L1A D . -29.13 11.25 -3.24
C16 L1A D . -30.01 8.71 -1.79
C17 L1A D . -29.95 8.13 -3.21
C18 L1A D . -31.40 9.31 -1.36
C19 L1A D . -32.10 10.51 -2.05
C20 L1A D . -33.46 10.78 -1.33
C21 L1A D . -34.35 11.94 -1.81
C22 L1A D . -33.84 13.26 -1.19
C23 L1A D . -35.81 11.75 -1.37
O3 L1A D . -31.17 9.67 -0.04
O4 L1A D . -32.38 10.22 -3.40
O5 L1A D . -21.11 13.08 -6.43
C24 L1A D . -20.19 12.39 -5.57
C25 L1A D . -20.86 12.13 -4.22
S2 L1A D . -22.20 13.04 -2.07
N6 L1A D . -21.43 13.33 -3.59
C26 L1A D . -22.31 14.06 -4.57
C27 L1A D . -21.60 14.32 -5.92
O6 L1A D . -21.21 13.28 -1.09
O7 L1A D . -23.43 13.79 -2.07
C28 L1A D . -27.77 6.70 -2.67
C29 L1A D . -28.65 7.43 -3.73
C30 L1A D . -27.77 8.40 -4.55
C31 L1A D . -26.73 7.62 -5.40
C32 L1A D . -26.19 6.28 -4.76
C33 L1A D . -26.41 6.15 -3.21
#